data_3KF3
#
_entry.id   3KF3
#
_cell.length_a   60.870
_cell.length_b   92.270
_cell.length_c   116.280
_cell.angle_alpha   90.00
_cell.angle_beta   104.81
_cell.angle_gamma   90.00
#
_symmetry.space_group_name_H-M   'P 1 21 1'
#
loop_
_entity.id
_entity.type
_entity.pdbx_description
1 polymer Invertase
2 non-polymer beta-D-fructofuranose
3 non-polymer 2-acetamido-2-deoxy-beta-D-glucopyranose
4 water water
#
_entity_poly.entity_id   1
_entity_poly.type   'polypeptide(L)'
_entity_poly.pdbx_seq_one_letter_code
;LSVDTSEYNRPLIHFTPEKGWMNDPNGLFYDKTAKLWHLYFQYNPNATAWGQPLYWGHATSNDLVHWDEHEIAIGPEHDN
EGIFSGSIVVDHNNTSGFFNSSIDPNQRIVAIYTNNIPDNQTQDIAFSLDGGYTFTKYENNPVIDVSSNQFRDPKVFWHE
DSNQWIMVVSKSQEYKIQIFGSANLKNWVLNSNFSSGYYGNQYECPGLIEVPIENSDKSKWVMFLAINPGSPLGGSINQY
FVGDFDGFQFVPDDSQTRFVDIGKDFYAFQTFSEVEHGVLGLAWASNWQYADQVPTNPWRSSTSLARNYTLRYVHTNAET
KQLTLIQNPVLPDSINVVDKLKKKNVKLTNKKPIKTNFKGSTGLFDFNITFKVLNLNVSPGKTHFDILINSQELNSSVDS
IKIGFDSSQSSFYIDRHIPNVEFPRKQFFTDKLAAYLEPLDYDQDLRVFSLYGIVDKNIIELYFNDGTVAMTNTFFMGEG
KYPHDIQIVTDTEEPLFELESVIIRELNK
;
_entity_poly.pdbx_strand_id   A,B
#
loop_
_chem_comp.id
_chem_comp.type
_chem_comp.name
_chem_comp.formula
FRU D-saccharide, beta linking beta-D-fructofuranose 'C6 H12 O6'
NAG D-saccharide, beta linking 2-acetamido-2-deoxy-beta-D-glucopyranose 'C8 H15 N O6'
#
# COMPACT_ATOMS: atom_id res chain seq x y z
N LEU A 1 6.92 -6.06 -35.58
CA LEU A 1 6.31 -7.10 -36.48
C LEU A 1 7.18 -8.36 -36.66
N SER A 2 8.50 -8.19 -36.58
CA SER A 2 9.46 -9.28 -36.81
C SER A 2 9.65 -10.15 -35.58
N VAL A 3 9.42 -9.56 -34.41
CA VAL A 3 9.67 -10.22 -33.14
C VAL A 3 8.36 -10.74 -32.56
N ASP A 4 8.31 -12.03 -32.27
CA ASP A 4 7.15 -12.61 -31.61
C ASP A 4 7.56 -13.40 -30.37
N THR A 5 7.16 -12.90 -29.21
CA THR A 5 7.51 -13.50 -27.92
C THR A 5 6.50 -14.54 -27.44
N SER A 6 5.44 -14.76 -28.22
CA SER A 6 4.30 -15.63 -27.82
C SER A 6 4.67 -16.99 -27.22
N GLU A 7 5.57 -17.69 -27.89
CA GLU A 7 5.98 -19.06 -27.52
C GLU A 7 6.42 -19.17 -26.07
N TYR A 8 7.01 -18.10 -25.53
CA TYR A 8 7.44 -18.12 -24.14
C TYR A 8 6.71 -17.12 -23.22
N ASN A 9 6.02 -16.14 -23.83
CA ASN A 9 5.44 -14.98 -23.11
C ASN A 9 3.94 -14.82 -23.13
N ARG A 10 3.27 -15.47 -24.08
CA ARG A 10 1.85 -15.25 -24.30
C ARG A 10 1.00 -16.22 -23.48
N PRO A 11 0.15 -15.70 -22.58
CA PRO A 11 -0.72 -16.60 -21.82
C PRO A 11 -1.62 -17.48 -22.69
N LEU A 12 -1.96 -18.64 -22.17
CA LEU A 12 -2.79 -19.60 -22.88
C LEU A 12 -4.28 -19.44 -22.58
N ILE A 13 -4.62 -19.12 -21.33
CA ILE A 13 -6.04 -19.04 -20.92
C ILE A 13 -6.45 -17.69 -20.33
N HIS A 14 -5.56 -16.69 -20.42
CA HIS A 14 -5.91 -15.30 -20.17
C HIS A 14 -6.03 -14.64 -21.53
N PHE A 15 -7.09 -13.86 -21.74
CA PHE A 15 -7.27 -13.23 -23.04
C PHE A 15 -6.17 -12.23 -23.34
N THR A 16 -5.69 -12.28 -24.57
CA THR A 16 -4.77 -11.30 -25.11
C THR A 16 -5.17 -11.02 -26.56
N PRO A 17 -5.18 -9.73 -26.97
CA PRO A 17 -5.40 -9.45 -28.38
C PRO A 17 -4.25 -10.03 -29.21
N GLU A 18 -4.56 -10.56 -30.40
CA GLU A 18 -3.53 -11.11 -31.29
C GLU A 18 -2.39 -10.11 -31.52
N LYS A 19 -2.74 -8.84 -31.76
CA LYS A 19 -1.75 -7.78 -32.00
C LYS A 19 -2.19 -6.46 -31.35
N GLY A 20 -1.22 -5.65 -30.97
CA GLY A 20 -1.53 -4.30 -30.47
C GLY A 20 -1.69 -4.19 -28.97
N TRP A 21 -2.35 -3.12 -28.54
CA TRP A 21 -2.41 -2.75 -27.12
C TRP A 21 -3.80 -2.94 -26.54
N MET A 22 -3.88 -3.48 -25.33
CA MET A 22 -5.14 -3.58 -24.60
C MET A 22 -5.01 -2.98 -23.20
N ASN A 23 -6.02 -2.23 -22.76
CA ASN A 23 -6.20 -1.94 -21.33
C ASN A 23 -7.56 -2.36 -20.74
N ASP A 24 -8.31 -1.42 -20.17
CA ASP A 24 -9.53 -1.73 -19.40
C ASP A 24 -10.46 -2.70 -20.11
N PRO A 25 -10.97 -3.73 -19.40
CA PRO A 25 -12.06 -4.53 -19.96
C PRO A 25 -13.36 -3.71 -19.97
N ASN A 26 -14.17 -3.89 -21.01
CA ASN A 26 -15.38 -3.12 -21.22
C ASN A 26 -16.57 -4.00 -21.61
N GLY A 27 -17.78 -3.50 -21.37
CA GLY A 27 -19.00 -4.10 -21.92
C GLY A 27 -19.22 -5.55 -21.57
N LEU A 28 -18.74 -5.96 -20.41
CA LEU A 28 -18.83 -7.35 -20.00
C LEU A 28 -20.29 -7.77 -19.88
N PHE A 29 -20.67 -8.82 -20.59
CA PHE A 29 -22.02 -9.40 -20.44
C PHE A 29 -22.10 -10.82 -20.95
N TYR A 30 -23.09 -11.54 -20.44
CA TYR A 30 -23.47 -12.86 -20.92
C TYR A 30 -24.74 -12.79 -21.78
N ASP A 31 -24.66 -13.40 -22.96
CA ASP A 31 -25.80 -13.57 -23.86
C ASP A 31 -26.48 -14.89 -23.51
N LYS A 32 -27.65 -14.81 -22.85
CA LYS A 32 -28.39 -15.99 -22.39
C LYS A 32 -28.92 -16.86 -23.54
N THR A 33 -29.22 -16.23 -24.68
CA THR A 33 -29.75 -16.95 -25.83
C THR A 33 -28.65 -17.61 -26.66
N ALA A 34 -27.59 -16.86 -26.98
CA ALA A 34 -26.44 -17.42 -27.70
C ALA A 34 -25.54 -18.27 -26.81
N LYS A 35 -25.71 -18.16 -25.48
CA LYS A 35 -24.85 -18.86 -24.51
C LYS A 35 -23.40 -18.45 -24.67
N LEU A 36 -23.15 -17.15 -24.66
CA LEU A 36 -21.82 -16.61 -24.92
C LEU A 36 -21.44 -15.52 -23.91
N TRP A 37 -20.23 -15.64 -23.39
CA TRP A 37 -19.60 -14.57 -22.60
C TRP A 37 -18.92 -13.58 -23.55
N HIS A 38 -19.18 -12.30 -23.36
CA HIS A 38 -18.57 -11.25 -24.17
C HIS A 38 -17.56 -10.43 -23.37
N LEU A 39 -16.42 -10.21 -23.99
CA LEU A 39 -15.39 -9.33 -23.45
C LEU A 39 -15.08 -8.26 -24.50
N TYR A 40 -15.24 -7.01 -24.12
CA TYR A 40 -14.74 -5.90 -24.92
C TYR A 40 -13.62 -5.25 -24.13
N PHE A 41 -12.85 -4.39 -24.79
CA PHE A 41 -11.66 -3.85 -24.16
C PHE A 41 -11.14 -2.62 -24.86
N GLN A 42 -10.55 -1.72 -24.08
CA GLN A 42 -9.85 -0.58 -24.65
C GLN A 42 -8.74 -1.13 -25.53
N TYR A 43 -8.73 -0.70 -26.79
CA TYR A 43 -7.91 -1.34 -27.79
C TYR A 43 -7.31 -0.31 -28.75
N ASN A 44 -5.98 -0.40 -28.89
CA ASN A 44 -5.26 0.29 -29.96
C ASN A 44 -4.56 -0.73 -30.84
N PRO A 45 -5.13 -1.02 -32.02
CA PRO A 45 -4.56 -2.02 -32.94
C PRO A 45 -3.24 -1.60 -33.59
N ASN A 46 -2.89 -0.31 -33.49
CA ASN A 46 -1.80 0.28 -34.27
C ASN A 46 -0.45 0.38 -33.60
N ALA A 47 -0.43 0.14 -32.29
CA ALA A 47 0.80 0.12 -31.54
C ALA A 47 0.68 -0.81 -30.33
N THR A 48 1.83 -1.17 -29.77
CA THR A 48 1.86 -1.91 -28.52
C THR A 48 1.92 -0.93 -27.33
N ALA A 49 1.18 0.18 -27.48
CA ALA A 49 1.04 1.19 -26.44
C ALA A 49 -0.28 1.94 -26.64
N TRP A 50 -0.74 2.61 -25.59
CA TRP A 50 -1.98 3.40 -25.66
C TRP A 50 -1.85 4.51 -26.71
N GLY A 51 -2.90 4.69 -27.43
CA GLY A 51 -2.88 5.76 -28.39
C GLY A 51 -4.25 5.96 -29.00
N GLN A 52 -4.46 7.18 -29.52
CA GLN A 52 -5.67 7.60 -30.29
C GLN A 52 -5.33 7.01 -31.62
N PRO A 53 -6.42 6.68 -32.59
CA PRO A 53 -7.68 6.00 -32.78
C PRO A 53 -7.92 4.91 -31.70
N LEU A 54 -8.63 5.23 -30.58
CA LEU A 54 -8.92 4.17 -29.59
C LEU A 54 -10.30 3.54 -29.76
N TYR A 55 -10.32 2.19 -29.68
CA TYR A 55 -11.52 1.40 -29.97
C TYR A 55 -11.94 0.45 -28.84
N TRP A 56 -13.16 -0.08 -28.94
CA TRP A 56 -13.54 -1.28 -28.20
C TRP A 56 -13.20 -2.51 -29.04
N GLY A 57 -12.22 -3.28 -28.57
CA GLY A 57 -11.95 -4.60 -29.11
C GLY A 57 -13.05 -5.53 -28.63
N HIS A 58 -13.10 -6.74 -29.20
CA HIS A 58 -14.18 -7.68 -28.88
C HIS A 58 -13.74 -9.13 -28.97
N ALA A 59 -14.10 -9.91 -27.95
CA ALA A 59 -13.84 -11.34 -27.92
C ALA A 59 -14.97 -12.08 -27.20
N THR A 60 -15.24 -13.31 -27.61
CA THR A 60 -16.23 -14.14 -26.90
C THR A 60 -15.68 -15.48 -26.45
N SER A 61 -16.38 -16.08 -25.49
CA SER A 61 -16.04 -17.39 -24.97
C SER A 61 -17.30 -18.13 -24.50
N ASN A 62 -17.29 -19.44 -24.63
CA ASN A 62 -18.39 -20.25 -24.10
C ASN A 62 -18.13 -20.64 -22.65
N ASP A 63 -16.87 -20.57 -22.22
CA ASP A 63 -16.42 -21.17 -20.97
C ASP A 63 -15.49 -20.29 -20.12
N LEU A 64 -15.28 -19.05 -20.58
CA LEU A 64 -14.45 -18.05 -19.89
C LEU A 64 -12.95 -18.35 -19.83
N VAL A 65 -12.48 -19.31 -20.61
CA VAL A 65 -11.03 -19.56 -20.75
C VAL A 65 -10.53 -19.65 -22.21
N HIS A 66 -11.40 -20.12 -23.11
CA HIS A 66 -11.10 -20.18 -24.53
C HIS A 66 -11.77 -19.00 -25.23
N TRP A 67 -10.96 -18.08 -25.76
CA TRP A 67 -11.47 -16.84 -26.33
C TRP A 67 -11.34 -16.75 -27.84
N ASP A 68 -12.41 -16.30 -28.49
CA ASP A 68 -12.40 -16.05 -29.92
C ASP A 68 -12.40 -14.54 -30.17
N GLU A 69 -11.30 -14.03 -30.72
CA GLU A 69 -11.19 -12.60 -31.01
C GLU A 69 -11.96 -12.20 -32.25
N HIS A 70 -12.75 -11.13 -32.15
CA HIS A 70 -13.60 -10.70 -33.25
C HIS A 70 -13.13 -9.40 -33.87
N GLU A 71 -13.88 -8.91 -34.87
CA GLU A 71 -13.65 -7.59 -35.43
C GLU A 71 -13.92 -6.56 -34.34
N ILE A 72 -13.24 -5.41 -34.45
CA ILE A 72 -13.49 -4.27 -33.58
C ILE A 72 -14.99 -3.98 -33.52
N ALA A 73 -15.51 -3.75 -32.30
CA ALA A 73 -16.95 -3.51 -32.09
C ALA A 73 -17.37 -2.04 -32.20
N ILE A 74 -16.60 -1.13 -31.61
CA ILE A 74 -16.92 0.32 -31.63
C ILE A 74 -15.67 1.17 -31.88
N GLY A 75 -15.79 2.15 -32.76
CA GLY A 75 -14.69 3.08 -33.05
C GLY A 75 -15.08 4.54 -32.97
N PRO A 76 -14.07 5.43 -32.84
CA PRO A 76 -14.32 6.87 -32.78
C PRO A 76 -14.68 7.46 -34.15
N GLU A 77 -15.25 8.66 -34.15
CA GLU A 77 -15.55 9.37 -35.40
C GLU A 77 -14.29 9.92 -36.06
N HIS A 78 -13.32 10.34 -35.25
CA HIS A 78 -12.08 10.91 -35.75
C HIS A 78 -10.86 10.29 -35.09
N ASP A 79 -9.72 10.34 -35.79
CA ASP A 79 -8.42 9.88 -35.28
C ASP A 79 -8.05 10.57 -33.97
N ASN A 80 -8.75 11.67 -33.73
CA ASN A 80 -8.52 12.62 -32.66
C ASN A 80 -9.15 12.18 -31.34
N GLU A 81 -9.86 11.06 -31.39
CA GLU A 81 -10.83 10.69 -30.37
C GLU A 81 -10.69 9.22 -29.98
N GLY A 82 -11.47 8.79 -29.00
CA GLY A 82 -11.46 7.40 -28.57
C GLY A 82 -12.75 7.00 -27.90
N ILE A 83 -13.14 5.75 -28.11
CA ILE A 83 -14.22 5.16 -27.35
C ILE A 83 -13.58 4.64 -26.07
N PHE A 84 -13.77 5.40 -25.00
CA PHE A 84 -13.19 5.07 -23.70
C PHE A 84 -14.06 4.03 -23.00
N SER A 85 -13.71 3.73 -21.75
CA SER A 85 -14.33 2.60 -21.05
C SER A 85 -15.84 2.75 -20.85
N GLY A 86 -16.48 1.62 -20.63
CA GLY A 86 -17.91 1.59 -20.47
C GLY A 86 -18.38 0.18 -20.25
N SER A 87 -19.70 0.01 -20.27
CA SER A 87 -20.35 -1.23 -19.89
C SER A 87 -21.47 -1.54 -20.87
N ILE A 88 -22.07 -2.72 -20.72
CA ILE A 88 -23.20 -3.12 -21.56
C ILE A 88 -24.33 -3.58 -20.66
N VAL A 89 -25.54 -3.23 -21.07
CA VAL A 89 -26.75 -3.79 -20.46
C VAL A 89 -27.62 -4.44 -21.52
N VAL A 90 -28.51 -5.33 -21.08
CA VAL A 90 -29.52 -5.92 -21.95
C VAL A 90 -30.87 -5.29 -21.57
N ASP A 91 -31.48 -4.65 -22.56
CA ASP A 91 -32.72 -3.89 -22.39
C ASP A 91 -33.91 -4.79 -22.73
N HIS A 92 -34.16 -5.78 -21.88
CA HIS A 92 -35.17 -6.81 -22.12
C HIS A 92 -36.53 -6.22 -22.52
N ASN A 93 -36.96 -5.18 -21.81
CA ASN A 93 -38.28 -4.60 -21.99
C ASN A 93 -38.32 -3.39 -22.95
N ASN A 94 -37.24 -3.21 -23.71
CA ASN A 94 -37.15 -2.17 -24.74
C ASN A 94 -37.50 -0.75 -24.24
N THR A 95 -36.96 -0.40 -23.07
CA THR A 95 -37.15 0.94 -22.52
C THR A 95 -36.48 1.99 -23.40
N SER A 96 -35.43 1.58 -24.11
CA SER A 96 -34.66 2.49 -24.94
C SER A 96 -35.36 2.82 -26.26
N GLY A 97 -36.27 1.94 -26.69
CA GLY A 97 -36.96 2.08 -27.98
C GLY A 97 -36.19 1.58 -29.21
N PHE A 98 -35.00 1.00 -28.97
CA PHE A 98 -34.11 0.59 -30.06
C PHE A 98 -34.48 -0.75 -30.70
N PHE A 99 -35.27 -1.55 -30.00
CA PHE A 99 -35.43 -2.97 -30.33
C PHE A 99 -36.83 -3.43 -30.73
N ASN A 100 -36.92 -4.01 -31.92
CA ASN A 100 -38.13 -4.66 -32.46
C ASN A 100 -38.51 -5.92 -31.70
N SER A 101 -39.65 -6.49 -32.07
CA SER A 101 -40.01 -7.85 -31.68
C SER A 101 -39.14 -8.87 -32.44
N SER A 102 -38.36 -8.38 -33.40
CA SER A 102 -37.43 -9.23 -34.16
C SER A 102 -36.07 -9.41 -33.46
N ILE A 103 -35.88 -8.74 -32.33
CA ILE A 103 -34.65 -8.87 -31.53
C ILE A 103 -35.00 -9.57 -30.22
N ASP A 104 -34.43 -10.75 -30.02
CA ASP A 104 -34.67 -11.52 -28.80
C ASP A 104 -34.39 -10.67 -27.56
N PRO A 105 -35.27 -10.75 -26.52
CA PRO A 105 -35.07 -9.92 -25.32
C PRO A 105 -33.69 -10.03 -24.69
N ASN A 106 -33.11 -11.24 -24.67
CA ASN A 106 -31.78 -11.46 -24.06
C ASN A 106 -30.64 -10.91 -24.93
N GLN A 107 -31.00 -10.33 -26.06
CA GLN A 107 -30.04 -9.90 -27.08
C GLN A 107 -30.21 -8.41 -27.38
N ARG A 108 -30.99 -7.73 -26.53
CA ARG A 108 -31.24 -6.29 -26.70
C ARG A 108 -30.10 -5.48 -26.08
N ILE A 109 -28.98 -5.47 -26.80
CA ILE A 109 -27.69 -5.05 -26.25
C ILE A 109 -27.42 -3.55 -26.42
N VAL A 110 -27.18 -2.87 -25.30
CA VAL A 110 -26.83 -1.45 -25.33
C VAL A 110 -25.50 -1.21 -24.64
N ALA A 111 -24.57 -0.57 -25.34
CA ALA A 111 -23.29 -0.17 -24.76
C ALA A 111 -23.37 1.27 -24.29
N ILE A 112 -22.89 1.51 -23.07
CA ILE A 112 -22.80 2.85 -22.53
C ILE A 112 -21.33 3.10 -22.23
N TYR A 113 -20.77 4.15 -22.83
CA TYR A 113 -19.34 4.37 -22.82
C TYR A 113 -19.01 5.86 -22.75
N THR A 114 -17.78 6.16 -22.39
CA THR A 114 -17.29 7.52 -22.44
C THR A 114 -16.77 7.79 -23.84
N ASN A 115 -17.26 8.88 -24.44
CA ASN A 115 -16.68 9.37 -25.67
C ASN A 115 -15.62 10.42 -25.32
N ASN A 116 -14.38 10.14 -25.71
CA ASN A 116 -13.27 11.06 -25.49
C ASN A 116 -12.96 11.88 -26.74
N ILE A 117 -12.99 13.19 -26.55
CA ILE A 117 -12.81 14.18 -27.59
C ILE A 117 -11.78 15.15 -27.00
N PRO A 118 -11.04 15.89 -27.86
CA PRO A 118 -10.18 16.90 -27.26
C PRO A 118 -10.98 17.79 -26.31
N ASP A 119 -10.51 17.91 -25.06
CA ASP A 119 -11.12 18.79 -24.04
C ASP A 119 -12.53 18.42 -23.57
N ASN A 120 -13.02 17.25 -23.96
CA ASN A 120 -14.35 16.82 -23.55
C ASN A 120 -14.48 15.30 -23.37
N GLN A 121 -15.08 14.90 -22.26
CA GLN A 121 -15.49 13.50 -22.05
C GLN A 121 -16.98 13.48 -21.73
N THR A 122 -17.75 12.72 -22.52
CA THR A 122 -19.19 12.62 -22.31
C THR A 122 -19.61 11.16 -22.19
N GLN A 123 -20.82 10.91 -21.71
CA GLN A 123 -21.36 9.56 -21.70
C GLN A 123 -22.29 9.38 -22.89
N ASP A 124 -22.03 8.34 -23.68
CA ASP A 124 -22.76 8.07 -24.92
C ASP A 124 -23.30 6.64 -24.92
N ILE A 125 -24.30 6.38 -25.77
CA ILE A 125 -24.83 5.04 -25.92
C ILE A 125 -24.84 4.55 -27.38
N ALA A 126 -24.81 3.23 -27.55
CA ALA A 126 -24.92 2.59 -28.86
C ALA A 126 -25.64 1.27 -28.70
N PHE A 127 -26.36 0.83 -29.73
CA PHE A 127 -27.11 -0.42 -29.67
C PHE A 127 -26.64 -1.43 -30.72
N SER A 128 -26.76 -2.72 -30.39
CA SER A 128 -26.38 -3.78 -31.33
C SER A 128 -27.60 -4.62 -31.73
N LEU A 129 -27.71 -4.87 -33.03
CA LEU A 129 -28.84 -5.66 -33.54
C LEU A 129 -28.40 -7.05 -33.98
N ASP A 130 -27.10 -7.35 -33.80
CA ASP A 130 -26.55 -8.64 -34.23
C ASP A 130 -25.87 -9.43 -33.10
N GLY A 131 -26.38 -9.27 -31.88
CA GLY A 131 -25.83 -9.98 -30.74
C GLY A 131 -24.55 -9.42 -30.16
N GLY A 132 -24.23 -8.17 -30.50
CA GLY A 132 -23.10 -7.48 -29.88
C GLY A 132 -21.83 -7.43 -30.71
N TYR A 133 -21.95 -7.63 -32.01
CA TYR A 133 -20.78 -7.63 -32.88
C TYR A 133 -20.56 -6.28 -33.58
N THR A 134 -21.64 -5.68 -34.09
CA THR A 134 -21.58 -4.33 -34.62
C THR A 134 -22.55 -3.44 -33.84
N PHE A 135 -22.24 -2.15 -33.78
CA PHE A 135 -23.01 -1.19 -33.01
C PHE A 135 -23.39 0.04 -33.81
N THR A 136 -24.56 0.60 -33.51
CA THR A 136 -24.98 1.88 -34.07
C THR A 136 -25.05 2.90 -32.94
N LYS A 137 -24.37 4.03 -33.12
CA LYS A 137 -24.35 5.09 -32.11
C LYS A 137 -25.68 5.82 -32.09
N TYR A 138 -26.12 6.19 -30.89
CA TYR A 138 -27.40 6.85 -30.70
C TYR A 138 -27.34 8.24 -31.31
N GLU A 139 -28.39 8.57 -32.05
CA GLU A 139 -28.53 9.85 -32.75
C GLU A 139 -28.24 11.08 -31.92
N ASN A 140 -28.74 11.08 -30.69
CA ASN A 140 -28.70 12.27 -29.84
C ASN A 140 -27.62 12.18 -28.77
N ASN A 141 -26.60 11.37 -29.02
CA ASN A 141 -25.39 11.39 -28.19
C ASN A 141 -24.83 12.81 -28.16
N PRO A 142 -24.32 13.25 -26.99
CA PRO A 142 -24.16 12.50 -25.73
C PRO A 142 -25.42 12.43 -24.89
N VAL A 143 -25.53 11.37 -24.08
CA VAL A 143 -26.64 11.24 -23.16
C VAL A 143 -26.39 11.98 -21.84
N ILE A 144 -25.11 12.19 -21.51
CA ILE A 144 -24.72 13.04 -20.38
C ILE A 144 -23.49 13.86 -20.73
N ASP A 145 -23.57 15.17 -20.51
CA ASP A 145 -22.47 16.10 -20.75
C ASP A 145 -22.48 17.13 -19.62
N VAL A 146 -21.41 17.13 -18.83
CA VAL A 146 -21.29 18.11 -17.73
C VAL A 146 -20.20 19.15 -18.00
N SER A 147 -19.82 19.28 -19.27
CA SER A 147 -18.76 20.20 -19.72
C SER A 147 -17.41 19.89 -19.06
N SER A 148 -17.07 18.61 -18.99
CA SER A 148 -15.87 18.20 -18.28
C SER A 148 -14.93 17.37 -19.13
N ASN A 149 -13.64 17.55 -18.85
CA ASN A 149 -12.56 16.79 -19.44
C ASN A 149 -12.21 15.53 -18.63
N GLN A 150 -12.88 15.37 -17.48
CA GLN A 150 -12.54 14.33 -16.51
C GLN A 150 -13.80 13.70 -15.95
N PHE A 151 -14.43 12.86 -16.77
CA PHE A 151 -15.80 12.39 -16.56
C PHE A 151 -15.95 11.13 -17.42
N ARG A 152 -15.74 9.97 -16.81
CA ARG A 152 -15.58 8.73 -17.58
C ARG A 152 -15.91 7.44 -16.84
N ASP A 153 -16.04 6.36 -17.64
CA ASP A 153 -16.18 4.96 -17.21
C ASP A 153 -17.55 4.63 -16.61
N PRO A 154 -18.63 4.67 -17.42
CA PRO A 154 -19.94 4.38 -16.87
C PRO A 154 -20.21 2.87 -16.71
N LYS A 155 -20.62 2.46 -15.52
CA LYS A 155 -21.13 1.11 -15.32
C LYS A 155 -22.63 1.19 -15.02
N VAL A 156 -23.45 0.62 -15.89
CA VAL A 156 -24.90 0.73 -15.71
C VAL A 156 -25.58 -0.62 -15.47
N PHE A 157 -26.66 -0.57 -14.68
CA PHE A 157 -27.45 -1.75 -14.35
C PHE A 157 -28.91 -1.40 -14.10
N TRP A 158 -29.79 -2.35 -14.37
CA TRP A 158 -31.20 -2.20 -14.03
C TRP A 158 -31.39 -2.39 -12.53
N HIS A 159 -32.05 -1.42 -11.91
CA HIS A 159 -32.35 -1.51 -10.48
C HIS A 159 -33.85 -1.72 -10.29
N GLU A 160 -34.23 -2.96 -9.98
CA GLU A 160 -35.65 -3.35 -9.85
C GLU A 160 -36.42 -2.53 -8.83
N ASP A 161 -35.88 -2.47 -7.60
CA ASP A 161 -36.58 -1.87 -6.45
C ASP A 161 -37.01 -0.42 -6.63
N SER A 162 -36.23 0.37 -7.37
CA SER A 162 -36.61 1.77 -7.67
C SER A 162 -37.02 1.94 -9.13
N ASN A 163 -37.19 0.79 -9.81
CA ASN A 163 -37.64 0.72 -11.20
C ASN A 163 -36.96 1.73 -12.13
N GLN A 164 -35.63 1.61 -12.27
CA GLN A 164 -34.87 2.50 -13.16
C GLN A 164 -33.49 1.93 -13.49
N TRP A 165 -32.89 2.45 -14.57
CA TRP A 165 -31.50 2.17 -14.89
C TRP A 165 -30.62 3.01 -13.99
N ILE A 166 -29.54 2.43 -13.49
CA ILE A 166 -28.58 3.16 -12.68
C ILE A 166 -27.24 3.25 -13.39
N MET A 167 -26.64 4.44 -13.38
CA MET A 167 -25.27 4.61 -13.83
C MET A 167 -24.36 5.06 -12.69
N VAL A 168 -23.27 4.32 -12.47
CA VAL A 168 -22.15 4.86 -11.71
C VAL A 168 -21.04 5.28 -12.67
N VAL A 169 -20.52 6.49 -12.48
CA VAL A 169 -19.54 7.05 -13.39
C VAL A 169 -18.66 7.97 -12.56
N SER A 170 -17.43 8.21 -12.99
CA SER A 170 -16.64 9.09 -12.16
C SER A 170 -16.24 10.42 -12.68
N LYS A 171 -16.36 11.39 -11.78
CA LYS A 171 -15.86 12.71 -11.98
C LYS A 171 -14.46 12.59 -11.40
N SER A 172 -13.57 12.10 -12.26
CA SER A 172 -12.26 11.54 -11.86
C SER A 172 -11.43 12.40 -10.93
N GLN A 173 -11.24 13.66 -11.30
CA GLN A 173 -10.35 14.51 -10.53
C GLN A 173 -11.06 15.23 -9.39
N GLU A 174 -12.38 15.08 -9.34
CA GLU A 174 -13.17 15.58 -8.20
C GLU A 174 -13.30 14.56 -7.07
N TYR A 175 -12.79 13.35 -7.30
CA TYR A 175 -12.90 12.26 -6.32
C TYR A 175 -14.36 11.98 -5.96
N LYS A 176 -15.19 11.83 -6.99
CA LYS A 176 -16.59 11.48 -6.81
C LYS A 176 -17.00 10.38 -7.78
N ILE A 177 -17.66 9.36 -7.24
CA ILE A 177 -18.49 8.46 -8.03
C ILE A 177 -19.86 9.10 -8.06
N GLN A 178 -20.35 9.35 -9.28
CA GLN A 178 -21.64 9.98 -9.45
C GLN A 178 -22.65 8.92 -9.84
N ILE A 179 -23.79 8.97 -9.19
CA ILE A 179 -24.85 8.00 -9.42
C ILE A 179 -26.01 8.71 -10.10
N PHE A 180 -26.26 8.28 -11.35
CA PHE A 180 -27.36 8.80 -12.14
C PHE A 180 -28.46 7.75 -12.27
N GLY A 181 -29.70 8.20 -12.48
CA GLY A 181 -30.83 7.31 -12.75
C GLY A 181 -31.51 7.70 -14.07
N SER A 182 -32.09 6.72 -14.74
CA SER A 182 -32.78 6.91 -16.03
C SER A 182 -33.85 5.85 -16.22
N ALA A 183 -34.93 6.22 -16.90
CA ALA A 183 -35.96 5.26 -17.28
C ALA A 183 -35.69 4.77 -18.70
N ASN A 184 -34.69 5.39 -19.33
CA ASN A 184 -34.59 5.52 -20.77
C ASN A 184 -33.28 5.01 -21.36
N LEU A 185 -32.22 5.08 -20.55
CA LEU A 185 -30.82 5.02 -21.00
C LEU A 185 -30.39 6.28 -21.79
N LYS A 186 -31.35 7.18 -22.02
CA LYS A 186 -31.11 8.39 -22.82
C LYS A 186 -31.13 9.67 -22.00
N ASN A 187 -32.09 9.76 -21.09
CA ASN A 187 -32.26 10.93 -20.23
C ASN A 187 -31.92 10.58 -18.80
N TRP A 188 -30.93 11.28 -18.24
CA TRP A 188 -30.38 10.94 -16.93
C TRP A 188 -30.54 12.07 -15.91
N VAL A 189 -30.69 11.69 -14.65
CA VAL A 189 -30.79 12.63 -13.53
C VAL A 189 -29.73 12.25 -12.49
N LEU A 190 -28.99 13.23 -12.00
CA LEU A 190 -28.00 12.99 -10.96
C LEU A 190 -28.66 12.79 -9.62
N ASN A 191 -28.46 11.62 -9.01
CA ASN A 191 -29.10 11.29 -7.76
C ASN A 191 -28.21 11.49 -6.53
N SER A 192 -26.93 11.13 -6.65
CA SER A 192 -26.00 11.33 -5.53
C SER A 192 -24.53 11.30 -5.93
N ASN A 193 -23.68 11.78 -5.03
CA ASN A 193 -22.23 11.69 -5.15
C ASN A 193 -21.67 10.89 -3.99
N PHE A 194 -20.69 10.03 -4.29
CA PHE A 194 -20.01 9.25 -3.25
C PHE A 194 -18.50 9.47 -3.32
N SER A 195 -17.91 9.77 -2.16
CA SER A 195 -16.47 10.02 -2.04
C SER A 195 -15.95 9.34 -0.78
N SER A 196 -14.98 8.46 -0.93
CA SER A 196 -14.40 7.74 0.23
C SER A 196 -13.12 6.99 -0.16
N GLY A 197 -12.55 6.28 0.82
CA GLY A 197 -11.47 5.33 0.58
C GLY A 197 -10.13 5.98 0.29
N TYR A 198 -9.28 5.27 -0.46
CA TYR A 198 -7.99 5.83 -0.84
C TYR A 198 -8.18 6.64 -2.12
N TYR A 199 -7.88 7.93 -2.05
CA TYR A 199 -8.15 8.83 -3.17
C TYR A 199 -7.15 8.70 -4.31
N GLY A 200 -5.86 8.57 -3.97
CA GLY A 200 -4.81 8.62 -4.97
C GLY A 200 -4.93 9.90 -5.81
N ASN A 201 -4.53 9.82 -7.07
CA ASN A 201 -4.59 10.95 -7.99
C ASN A 201 -6.01 11.17 -8.57
N GLN A 202 -6.70 10.07 -8.89
CA GLN A 202 -7.95 10.09 -9.69
C GLN A 202 -8.82 8.88 -9.39
N TYR A 203 -10.14 9.09 -9.42
CA TYR A 203 -11.14 8.02 -9.44
C TYR A 203 -11.35 7.54 -10.87
N GLU A 204 -11.38 6.22 -11.07
CA GLU A 204 -11.64 5.60 -12.37
C GLU A 204 -12.55 4.36 -12.23
N CYS A 205 -13.14 3.93 -13.34
CA CYS A 205 -13.93 2.68 -13.40
C CYS A 205 -14.70 2.25 -12.14
N PRO A 206 -15.76 2.99 -11.78
CA PRO A 206 -16.55 2.49 -10.65
C PRO A 206 -17.46 1.33 -11.04
N GLY A 207 -17.91 0.57 -10.05
CA GLY A 207 -18.95 -0.42 -10.25
C GLY A 207 -19.78 -0.53 -8.99
N LEU A 208 -21.05 -0.90 -9.13
CA LEU A 208 -21.95 -1.06 -7.99
C LEU A 208 -22.86 -2.24 -8.28
N ILE A 209 -22.86 -3.24 -7.39
CA ILE A 209 -23.53 -4.51 -7.67
C ILE A 209 -23.84 -5.27 -6.38
N GLU A 210 -24.94 -6.01 -6.37
CA GLU A 210 -25.28 -6.90 -5.25
C GLU A 210 -24.39 -8.12 -5.27
N VAL A 211 -23.63 -8.31 -4.21
CA VAL A 211 -22.77 -9.47 -4.10
C VAL A 211 -23.36 -10.42 -3.07
N PRO A 212 -23.55 -11.70 -3.45
CA PRO A 212 -24.15 -12.67 -2.54
C PRO A 212 -23.27 -12.98 -1.32
N ILE A 213 -23.92 -13.07 -0.15
CA ILE A 213 -23.29 -13.56 1.06
C ILE A 213 -23.39 -15.08 1.05
N GLU A 214 -22.29 -15.73 1.39
CA GLU A 214 -22.21 -17.18 1.39
C GLU A 214 -23.15 -17.78 2.42
N ASN A 215 -23.80 -18.89 2.06
CA ASN A 215 -24.77 -19.58 2.90
C ASN A 215 -25.95 -18.69 3.30
N SER A 216 -26.30 -17.76 2.41
CA SER A 216 -27.37 -16.81 2.66
C SER A 216 -28.13 -16.49 1.39
N ASP A 217 -29.37 -16.02 1.56
CA ASP A 217 -30.19 -15.51 0.46
C ASP A 217 -29.96 -14.02 0.31
N LYS A 218 -29.40 -13.40 1.34
CA LYS A 218 -29.14 -11.97 1.35
C LYS A 218 -27.87 -11.63 0.58
N SER A 219 -27.74 -10.35 0.27
CA SER A 219 -26.54 -9.83 -0.37
C SER A 219 -26.23 -8.46 0.21
N LYS A 220 -25.05 -7.95 -0.10
CA LYS A 220 -24.74 -6.56 0.16
C LYS A 220 -24.45 -5.88 -1.16
N TRP A 221 -24.64 -4.57 -1.19
CA TRP A 221 -24.18 -3.77 -2.30
C TRP A 221 -22.70 -3.48 -2.12
N VAL A 222 -21.93 -3.76 -3.15
CA VAL A 222 -20.50 -3.46 -3.14
C VAL A 222 -20.23 -2.41 -4.20
N MET A 223 -19.62 -1.30 -3.77
CA MET A 223 -19.14 -0.28 -4.69
C MET A 223 -17.68 -0.57 -5.00
N PHE A 224 -17.38 -0.70 -6.29
CA PHE A 224 -15.99 -0.87 -6.74
C PHE A 224 -15.45 0.43 -7.27
N LEU A 225 -14.13 0.61 -7.16
CA LEU A 225 -13.50 1.87 -7.55
C LEU A 225 -12.04 1.66 -7.88
N ALA A 226 -11.65 2.13 -9.07
CA ALA A 226 -10.27 2.06 -9.52
C ALA A 226 -9.62 3.42 -9.30
N ILE A 227 -8.36 3.42 -8.86
CA ILE A 227 -7.59 4.67 -8.73
C ILE A 227 -6.23 4.54 -9.40
N ASN A 228 -5.80 5.61 -10.07
CA ASN A 228 -4.50 5.65 -10.73
C ASN A 228 -4.13 7.06 -11.13
N PRO A 229 -2.85 7.45 -10.92
CA PRO A 229 -1.84 6.79 -10.09
C PRO A 229 -2.15 7.05 -8.63
N GLY A 230 -1.17 6.82 -7.76
CA GLY A 230 -1.37 7.09 -6.34
C GLY A 230 -1.79 5.91 -5.49
N SER A 231 -1.77 4.70 -6.07
CA SER A 231 -2.00 3.49 -5.29
C SER A 231 -0.94 3.40 -4.18
N PRO A 232 -1.33 2.91 -2.98
CA PRO A 232 -0.31 2.77 -1.94
C PRO A 232 0.78 1.79 -2.37
N LEU A 233 0.49 0.91 -3.31
CA LEU A 233 1.47 -0.04 -3.84
C LEU A 233 2.22 0.54 -5.03
N GLY A 234 1.86 1.76 -5.43
CA GLY A 234 2.47 2.42 -6.56
C GLY A 234 1.65 2.18 -7.82
N GLY A 235 1.22 3.26 -8.46
CA GLY A 235 0.49 3.13 -9.72
C GLY A 235 -0.99 2.93 -9.53
N SER A 236 -1.49 1.82 -10.07
CA SER A 236 -2.91 1.56 -10.25
C SER A 236 -3.40 0.43 -9.35
N ILE A 237 -4.63 0.58 -8.83
CA ILE A 237 -5.23 -0.42 -7.96
C ILE A 237 -6.75 -0.29 -7.88
N ASN A 238 -7.42 -1.39 -7.55
CA ASN A 238 -8.86 -1.40 -7.31
C ASN A 238 -9.19 -1.53 -5.83
N GLN A 239 -10.20 -0.78 -5.38
CA GLN A 239 -10.69 -0.88 -4.02
C GLN A 239 -12.20 -1.12 -4.00
N TYR A 240 -12.73 -1.42 -2.82
CA TYR A 240 -14.17 -1.64 -2.68
C TYR A 240 -14.75 -1.16 -1.36
N PHE A 241 -16.08 -1.01 -1.35
CA PHE A 241 -16.85 -0.60 -0.18
C PHE A 241 -18.07 -1.50 -0.10
N VAL A 242 -18.43 -1.90 1.10
CA VAL A 242 -19.58 -2.77 1.32
C VAL A 242 -20.67 -1.98 2.04
N GLY A 243 -21.89 -2.02 1.52
CA GLY A 243 -22.99 -1.31 2.14
C GLY A 243 -24.35 -1.59 1.56
N ASP A 244 -25.19 -0.56 1.57
CA ASP A 244 -26.57 -0.68 1.11
C ASP A 244 -26.83 0.38 0.05
N PHE A 245 -27.85 0.13 -0.77
CA PHE A 245 -28.18 1.00 -1.88
C PHE A 245 -29.69 0.96 -2.07
N ASP A 246 -30.28 2.11 -2.37
CA ASP A 246 -31.75 2.22 -2.46
C ASP A 246 -32.20 2.70 -3.84
N GLY A 247 -31.25 2.80 -4.76
CA GLY A 247 -31.53 3.34 -6.09
C GLY A 247 -31.07 4.78 -6.25
N PHE A 248 -30.69 5.39 -5.13
CA PHE A 248 -30.35 6.82 -5.13
C PHE A 248 -29.03 7.12 -4.43
N GLN A 249 -28.87 6.60 -3.22
CA GLN A 249 -27.64 6.79 -2.45
C GLN A 249 -27.02 5.46 -2.04
N PHE A 250 -25.69 5.39 -2.15
CA PHE A 250 -24.95 4.26 -1.60
C PHE A 250 -24.47 4.64 -0.21
N VAL A 251 -24.77 3.79 0.77
CA VAL A 251 -24.38 4.03 2.16
C VAL A 251 -23.51 2.86 2.63
N PRO A 252 -22.20 3.11 2.82
CA PRO A 252 -21.37 2.00 3.29
C PRO A 252 -21.70 1.63 4.74
N ASP A 253 -21.47 0.37 5.09
CA ASP A 253 -21.69 -0.12 6.46
C ASP A 253 -20.67 0.48 7.44
N ASP A 254 -19.47 0.75 6.94
CA ASP A 254 -18.41 1.36 7.71
C ASP A 254 -17.65 2.35 6.82
N SER A 255 -16.57 2.93 7.34
CA SER A 255 -15.79 3.86 6.54
C SER A 255 -14.37 3.36 6.29
N GLN A 256 -14.20 2.04 6.24
CA GLN A 256 -12.86 1.45 6.03
C GLN A 256 -12.49 1.35 4.56
N THR A 257 -11.18 1.40 4.30
CA THR A 257 -10.62 1.26 2.97
C THR A 257 -10.12 -0.17 2.78
N ARG A 258 -10.50 -0.81 1.67
CA ARG A 258 -10.03 -2.17 1.35
C ARG A 258 -9.80 -2.35 -0.16
N PHE A 259 -8.75 -3.08 -0.50
CA PHE A 259 -8.42 -3.33 -1.91
C PHE A 259 -8.95 -4.66 -2.39
N VAL A 260 -9.32 -4.71 -3.67
CA VAL A 260 -9.85 -5.93 -4.29
C VAL A 260 -8.75 -6.96 -4.47
N ASP A 261 -7.58 -6.52 -4.92
CA ASP A 261 -6.45 -7.39 -5.21
C ASP A 261 -5.20 -6.65 -4.79
N ILE A 262 -4.35 -7.30 -4.01
CA ILE A 262 -3.20 -6.61 -3.44
C ILE A 262 -1.90 -7.02 -4.13
N GLY A 263 -2.04 -7.43 -5.40
CA GLY A 263 -0.90 -7.51 -6.29
C GLY A 263 -0.73 -6.17 -6.98
N LYS A 264 0.31 -6.07 -7.80
CA LYS A 264 0.55 -4.84 -8.54
C LYS A 264 -0.35 -4.71 -9.79
N ASP A 265 -0.80 -5.84 -10.32
CA ASP A 265 -1.35 -5.87 -11.67
C ASP A 265 -2.81 -6.33 -11.76
N PHE A 266 -3.72 -5.57 -11.17
CA PHE A 266 -5.14 -5.88 -11.26
C PHE A 266 -5.88 -4.55 -11.18
N TYR A 267 -6.30 -4.05 -12.34
CA TYR A 267 -6.83 -2.72 -12.45
C TYR A 267 -8.05 -2.65 -13.36
N ALA A 268 -8.93 -1.66 -13.14
CA ALA A 268 -10.10 -1.43 -14.00
C ALA A 268 -11.03 -2.65 -14.06
N PHE A 269 -11.18 -3.28 -12.90
CA PHE A 269 -12.12 -4.37 -12.70
C PHE A 269 -13.54 -3.99 -13.11
N GLN A 270 -14.21 -4.92 -13.78
CA GLN A 270 -15.62 -4.78 -14.12
C GLN A 270 -16.31 -6.13 -13.94
N THR A 271 -17.60 -6.08 -13.60
CA THR A 271 -18.41 -7.29 -13.49
C THR A 271 -19.24 -7.51 -14.77
N PHE A 272 -19.55 -8.78 -15.04
CA PHE A 272 -20.37 -9.18 -16.19
C PHE A 272 -21.83 -8.90 -15.89
N SER A 273 -22.53 -8.30 -16.84
CA SER A 273 -23.97 -8.17 -16.77
C SER A 273 -24.64 -9.48 -17.16
N GLU A 274 -25.87 -9.69 -16.69
CA GLU A 274 -26.71 -10.83 -17.09
C GLU A 274 -26.22 -12.17 -16.54
N VAL A 275 -25.54 -12.13 -15.41
CA VAL A 275 -25.14 -13.36 -14.73
C VAL A 275 -26.26 -13.84 -13.81
N GLU A 276 -26.74 -15.05 -14.04
CA GLU A 276 -27.60 -15.71 -13.06
C GLU A 276 -26.66 -16.54 -12.18
N HIS A 277 -26.96 -16.60 -10.90
CA HIS A 277 -26.10 -17.28 -9.92
C HIS A 277 -24.81 -16.47 -9.71
N GLY A 278 -24.90 -15.47 -8.85
CA GLY A 278 -23.71 -14.81 -8.31
C GLY A 278 -23.18 -13.65 -9.13
N VAL A 279 -21.92 -13.31 -8.88
CA VAL A 279 -21.25 -12.17 -9.49
C VAL A 279 -19.91 -12.63 -10.04
N LEU A 280 -19.68 -12.32 -11.31
CA LEU A 280 -18.45 -12.67 -12.00
C LEU A 280 -17.81 -11.40 -12.52
N GLY A 281 -16.49 -11.35 -12.50
CA GLY A 281 -15.78 -10.19 -13.03
C GLY A 281 -14.36 -10.51 -13.41
N LEU A 282 -13.70 -9.54 -14.04
CA LEU A 282 -12.28 -9.63 -14.34
C LEU A 282 -11.71 -8.22 -14.51
N ALA A 283 -10.39 -8.15 -14.58
CA ALA A 283 -9.67 -6.88 -14.65
C ALA A 283 -8.61 -6.93 -15.73
N TRP A 284 -8.00 -5.77 -15.98
CA TRP A 284 -6.79 -5.68 -16.79
C TRP A 284 -5.59 -6.06 -15.90
N ALA A 285 -4.82 -7.03 -16.35
CA ALA A 285 -3.74 -7.59 -15.53
C ALA A 285 -2.39 -6.90 -15.78
N SER A 286 -2.37 -5.59 -15.56
CA SER A 286 -1.11 -4.83 -15.56
C SER A 286 -1.22 -3.64 -14.63
N ASN A 287 -0.19 -2.79 -14.66
CA ASN A 287 -0.15 -1.60 -13.85
C ASN A 287 0.29 -0.46 -14.78
N TRP A 288 -0.39 0.68 -14.70
CA TRP A 288 -0.06 1.82 -15.58
C TRP A 288 1.40 2.30 -15.51
N GLN A 289 2.07 2.05 -14.40
CA GLN A 289 3.47 2.47 -14.23
C GLN A 289 4.38 1.90 -15.31
N TYR A 290 4.11 0.68 -15.74
CA TYR A 290 5.02 -0.01 -16.66
C TYR A 290 4.34 -0.86 -17.73
N ALA A 291 3.02 -0.86 -17.75
CA ALA A 291 2.22 -1.65 -18.70
C ALA A 291 2.69 -1.58 -20.16
N ASP A 292 3.03 -0.38 -20.64
CA ASP A 292 3.42 -0.21 -22.04
C ASP A 292 4.91 -0.45 -22.34
N GLN A 293 5.63 -1.01 -21.37
CA GLN A 293 7.08 -1.19 -21.48
C GLN A 293 7.53 -2.64 -21.32
N VAL A 294 6.63 -3.52 -20.88
CA VAL A 294 6.98 -4.91 -20.63
C VAL A 294 7.37 -5.66 -21.92
N PRO A 295 8.29 -6.64 -21.84
CA PRO A 295 8.85 -7.24 -23.05
C PRO A 295 7.98 -8.34 -23.70
N THR A 296 6.80 -7.94 -24.17
CA THR A 296 5.97 -8.78 -25.03
C THR A 296 5.75 -8.08 -26.37
N ASN A 297 5.56 -8.89 -27.40
CA ASN A 297 5.37 -8.43 -28.76
C ASN A 297 4.79 -9.60 -29.55
N PRO A 298 3.85 -9.35 -30.49
CA PRO A 298 3.34 -8.09 -31.00
C PRO A 298 2.11 -7.53 -30.27
N TRP A 299 1.91 -7.93 -29.01
CA TRP A 299 0.82 -7.43 -28.20
C TRP A 299 1.38 -6.94 -26.86
N ARG A 300 0.58 -6.17 -26.14
CA ARG A 300 0.82 -5.98 -24.70
C ARG A 300 -0.48 -6.09 -23.93
N SER A 301 -0.41 -6.77 -22.78
CA SER A 301 -1.49 -6.85 -21.79
C SER A 301 -2.36 -8.08 -21.96
N SER A 302 -2.75 -8.65 -20.82
CA SER A 302 -3.79 -9.66 -20.75
C SER A 302 -4.81 -9.23 -19.70
N THR A 303 -5.96 -9.90 -19.69
CA THR A 303 -6.92 -9.75 -18.61
C THR A 303 -6.53 -10.75 -17.52
N SER A 304 -7.10 -10.60 -16.33
CA SER A 304 -7.03 -11.65 -15.32
C SER A 304 -7.97 -12.77 -15.74
N LEU A 305 -7.96 -13.89 -15.02
CA LEU A 305 -9.04 -14.87 -15.17
C LEU A 305 -10.35 -14.23 -14.72
N ALA A 306 -11.46 -14.76 -15.21
CA ALA A 306 -12.76 -14.43 -14.65
C ALA A 306 -12.78 -14.96 -13.23
N ARG A 307 -13.32 -14.16 -12.31
CA ARG A 307 -13.40 -14.56 -10.92
C ARG A 307 -14.82 -14.50 -10.40
N ASN A 308 -15.09 -15.31 -9.39
CA ASN A 308 -16.42 -15.47 -8.83
C ASN A 308 -16.41 -14.81 -7.46
N TYR A 309 -17.28 -13.81 -7.28
CA TYR A 309 -17.26 -12.92 -6.09
C TYR A 309 -18.39 -13.21 -5.11
N THR A 310 -18.02 -13.39 -3.85
CA THR A 310 -18.97 -13.56 -2.75
C THR A 310 -18.51 -12.75 -1.54
N LEU A 311 -19.36 -12.73 -0.51
CA LEU A 311 -19.03 -12.10 0.76
C LEU A 311 -19.06 -13.15 1.85
N ARG A 312 -18.06 -13.09 2.73
CA ARG A 312 -17.89 -14.07 3.80
C ARG A 312 -17.38 -13.36 5.06
N TYR A 313 -17.91 -13.75 6.22
CA TYR A 313 -17.36 -13.27 7.48
C TYR A 313 -16.05 -14.02 7.77
N VAL A 314 -14.94 -13.30 7.71
CA VAL A 314 -13.63 -13.92 7.96
C VAL A 314 -12.91 -13.18 9.07
N HIS A 315 -12.09 -13.91 9.82
CA HIS A 315 -11.25 -13.32 10.84
C HIS A 315 -10.16 -12.46 10.21
N THR A 316 -10.17 -11.17 10.54
CA THR A 316 -9.09 -10.26 10.13
C THR A 316 -8.04 -10.16 11.23
N ASN A 317 -8.46 -10.47 12.46
CA ASN A 317 -7.56 -10.77 13.57
C ASN A 317 -8.14 -11.95 14.38
N ALA A 318 -7.47 -12.37 15.45
CA ALA A 318 -7.92 -13.52 16.24
C ALA A 318 -9.27 -13.33 16.91
N GLU A 319 -9.61 -12.10 17.27
CA GLU A 319 -10.85 -11.83 17.98
C GLU A 319 -12.05 -11.46 17.10
N THR A 320 -11.78 -10.89 15.92
CA THR A 320 -12.83 -10.18 15.17
C THR A 320 -13.00 -10.65 13.72
N LYS A 321 -14.25 -10.81 13.32
CA LYS A 321 -14.61 -11.09 11.92
C LYS A 321 -15.12 -9.84 11.20
N GLN A 322 -14.89 -9.80 9.89
CA GLN A 322 -15.37 -8.74 9.01
C GLN A 322 -16.01 -9.37 7.79
N LEU A 323 -17.13 -8.81 7.35
CA LEU A 323 -17.76 -9.21 6.11
C LEU A 323 -16.82 -8.74 5.00
N THR A 324 -16.22 -9.71 4.32
CA THR A 324 -15.09 -9.45 3.43
C THR A 324 -15.38 -9.97 2.02
N LEU A 325 -14.89 -9.25 1.01
CA LEU A 325 -14.99 -9.72 -0.38
C LEU A 325 -14.06 -10.89 -0.63
N ILE A 326 -14.64 -11.97 -1.12
CA ILE A 326 -13.92 -13.20 -1.44
C ILE A 326 -14.00 -13.42 -2.95
N GLN A 327 -12.94 -13.95 -3.54
CA GLN A 327 -12.94 -14.21 -4.98
C GLN A 327 -12.17 -15.46 -5.30
N ASN A 328 -12.71 -16.23 -6.24
CA ASN A 328 -12.07 -17.46 -6.70
C ASN A 328 -12.11 -17.54 -8.22
N PRO A 329 -11.08 -18.15 -8.84
CA PRO A 329 -10.99 -18.14 -10.29
C PRO A 329 -12.03 -19.07 -10.92
N VAL A 330 -12.49 -18.69 -12.11
CA VAL A 330 -13.39 -19.53 -12.89
C VAL A 330 -12.54 -20.41 -13.80
N LEU A 331 -12.56 -21.71 -13.53
CA LEU A 331 -11.81 -22.70 -14.30
C LEU A 331 -12.73 -23.87 -14.62
N PRO A 332 -13.24 -23.93 -15.86
CA PRO A 332 -14.15 -25.01 -16.23
C PRO A 332 -13.44 -26.35 -16.47
N ASP A 333 -14.25 -27.38 -16.73
CA ASP A 333 -13.74 -28.71 -17.06
C ASP A 333 -13.23 -28.79 -18.50
N SER A 334 -13.45 -27.74 -19.29
CA SER A 334 -12.90 -27.70 -20.65
C SER A 334 -11.38 -27.51 -20.65
N ILE A 335 -10.81 -27.22 -19.48
CA ILE A 335 -9.36 -27.18 -19.33
C ILE A 335 -8.79 -28.60 -19.23
N ASN A 336 -7.82 -28.89 -20.09
CA ASN A 336 -7.19 -30.18 -20.12
C ASN A 336 -6.05 -30.25 -19.11
N VAL A 337 -6.00 -31.36 -18.39
CA VAL A 337 -4.89 -31.64 -17.48
C VAL A 337 -3.88 -32.51 -18.23
N VAL A 338 -2.72 -31.93 -18.54
CA VAL A 338 -1.66 -32.66 -19.23
C VAL A 338 -0.99 -33.66 -18.29
N ASP A 339 -0.71 -33.22 -17.07
CA ASP A 339 -0.10 -34.09 -16.06
C ASP A 339 -0.39 -33.51 -14.68
N LYS A 340 -0.32 -34.35 -13.65
CA LYS A 340 -0.43 -33.85 -12.28
C LYS A 340 0.41 -34.60 -11.26
N LEU A 341 0.72 -33.90 -10.18
CA LEU A 341 1.36 -34.45 -9.02
C LEU A 341 0.34 -34.25 -7.91
N LYS A 342 0.11 -35.31 -7.14
CA LYS A 342 -0.88 -35.27 -6.07
C LYS A 342 -0.30 -35.96 -4.84
N LYS A 343 -0.25 -35.23 -3.74
CA LYS A 343 0.25 -35.78 -2.49
C LYS A 343 -0.66 -35.41 -1.32
N LYS A 344 -0.51 -36.19 -0.25
CA LYS A 344 -1.45 -36.20 0.87
C LYS A 344 -0.65 -36.36 2.16
N ASN A 345 -0.94 -35.54 3.16
CA ASN A 345 -0.35 -35.66 4.49
C ASN A 345 1.16 -35.80 4.45
N VAL A 346 1.82 -34.95 3.67
CA VAL A 346 3.27 -35.00 3.59
C VAL A 346 3.91 -33.94 4.47
N LYS A 347 5.03 -34.29 5.10
CA LYS A 347 5.78 -33.35 5.90
C LYS A 347 6.89 -32.76 5.06
N LEU A 348 7.03 -31.44 5.11
CA LEU A 348 8.10 -30.76 4.39
C LEU A 348 9.34 -30.71 5.26
N THR A 349 10.46 -31.16 4.70
CA THR A 349 11.77 -30.95 5.29
C THR A 349 12.75 -30.69 4.16
N ASN A 350 13.96 -30.26 4.50
CA ASN A 350 15.02 -30.05 3.51
C ASN A 350 15.40 -31.30 2.73
N LYS A 351 15.03 -32.47 3.26
CA LYS A 351 15.28 -33.73 2.57
C LYS A 351 14.02 -34.34 1.95
N LYS A 352 12.89 -33.67 2.13
CA LYS A 352 11.64 -34.06 1.48
C LYS A 352 11.04 -32.93 0.59
N PRO A 353 11.80 -32.44 -0.42
CA PRO A 353 11.19 -31.42 -1.28
C PRO A 353 10.15 -32.04 -2.22
N ILE A 354 9.18 -31.25 -2.64
CA ILE A 354 8.19 -31.68 -3.64
C ILE A 354 8.67 -31.16 -4.98
N LYS A 355 8.85 -32.07 -5.93
CA LYS A 355 9.39 -31.69 -7.23
C LYS A 355 8.55 -32.31 -8.31
N THR A 356 8.06 -31.45 -9.18
CA THR A 356 7.32 -31.83 -10.36
C THR A 356 8.29 -32.46 -11.38
N ASN A 357 7.87 -33.57 -11.99
CA ASN A 357 8.70 -34.28 -12.98
C ASN A 357 7.91 -34.64 -14.25
N PHE A 358 7.33 -33.62 -14.89
CA PHE A 358 6.52 -33.83 -16.09
C PHE A 358 7.40 -33.90 -17.34
N LYS A 359 6.86 -34.46 -18.41
CA LYS A 359 7.65 -34.72 -19.63
C LYS A 359 7.99 -33.45 -20.40
N GLY A 360 7.05 -32.52 -20.48
CA GLY A 360 7.29 -31.23 -21.14
C GLY A 360 6.63 -30.10 -20.38
N SER A 361 6.43 -28.98 -21.06
CA SER A 361 5.72 -27.86 -20.44
C SER A 361 4.96 -27.02 -21.45
N THR A 362 3.69 -26.75 -21.17
CA THR A 362 2.97 -25.73 -21.94
C THR A 362 3.08 -24.33 -21.29
N GLY A 363 3.76 -24.26 -20.15
CA GLY A 363 3.96 -22.98 -19.44
C GLY A 363 2.79 -22.54 -18.58
N LEU A 364 1.78 -23.40 -18.47
CA LEU A 364 0.57 -23.12 -17.68
C LEU A 364 0.45 -24.19 -16.60
N PHE A 365 0.35 -23.75 -15.35
CA PHE A 365 0.31 -24.64 -14.19
C PHE A 365 -0.61 -24.09 -13.12
N ASP A 366 -1.24 -24.98 -12.36
CA ASP A 366 -1.79 -24.54 -11.08
C ASP A 366 -1.27 -25.40 -9.92
N PHE A 367 -1.33 -24.83 -8.73
CA PHE A 367 -0.96 -25.53 -7.53
C PHE A 367 -1.98 -25.21 -6.47
N ASN A 368 -2.34 -26.22 -5.71
CA ASN A 368 -3.39 -26.09 -4.74
C ASN A 368 -2.96 -26.82 -3.47
N ILE A 369 -2.76 -26.06 -2.41
CA ILE A 369 -2.15 -26.56 -1.18
C ILE A 369 -2.99 -26.20 0.04
N THR A 370 -3.18 -27.18 0.92
CA THR A 370 -3.67 -26.92 2.27
C THR A 370 -2.57 -27.36 3.21
N PHE A 371 -2.16 -26.48 4.11
CA PHE A 371 -1.07 -26.81 5.03
C PHE A 371 -1.35 -26.45 6.47
N LYS A 372 -0.68 -27.18 7.37
CA LYS A 372 -0.74 -26.93 8.81
C LYS A 372 0.62 -26.49 9.30
N VAL A 373 0.63 -25.54 10.23
CA VAL A 373 1.88 -25.13 10.87
C VAL A 373 2.06 -25.93 12.17
N LEU A 374 3.14 -26.70 12.22
CA LEU A 374 3.47 -27.57 13.35
C LEU A 374 4.14 -26.79 14.48
N ASN A 375 4.04 -27.30 15.71
CA ASN A 375 4.74 -26.72 16.85
C ASN A 375 6.19 -27.14 16.87
N LEU A 376 7.00 -26.44 16.07
CA LEU A 376 8.43 -26.68 16.03
C LEU A 376 9.16 -25.35 16.10
N ASN A 377 10.08 -25.23 17.06
CA ASN A 377 10.91 -24.05 17.19
C ASN A 377 12.12 -24.15 16.27
N VAL A 378 12.22 -23.20 15.35
CA VAL A 378 13.31 -23.19 14.37
C VAL A 378 13.93 -21.79 14.33
N SER A 379 15.16 -21.69 13.81
CA SER A 379 15.89 -20.42 13.76
C SER A 379 15.18 -19.41 12.82
N PRO A 380 15.28 -18.09 13.13
CA PRO A 380 14.47 -17.03 12.49
C PRO A 380 14.42 -17.08 10.96
N GLY A 381 15.50 -17.50 10.32
CA GLY A 381 15.59 -17.49 8.86
C GLY A 381 14.98 -18.70 8.18
N LYS A 382 14.38 -19.60 8.98
CA LYS A 382 13.88 -20.87 8.47
C LYS A 382 12.40 -21.09 8.77
N THR A 383 11.71 -20.04 9.22
CA THR A 383 10.29 -20.15 9.55
C THR A 383 9.41 -19.97 8.30
N HIS A 384 9.81 -20.61 7.20
CA HIS A 384 9.13 -20.46 5.92
C HIS A 384 9.29 -21.68 5.01
N PHE A 385 8.37 -21.80 4.06
CA PHE A 385 8.56 -22.69 2.92
C PHE A 385 8.30 -21.91 1.65
N ASP A 386 8.82 -22.42 0.53
CA ASP A 386 8.75 -21.72 -0.73
C ASP A 386 8.29 -22.60 -1.88
N ILE A 387 7.47 -22.01 -2.76
CA ILE A 387 7.10 -22.64 -4.01
C ILE A 387 7.94 -21.98 -5.11
N LEU A 388 8.80 -22.76 -5.74
CA LEU A 388 9.67 -22.27 -6.80
C LEU A 388 9.10 -22.59 -8.18
N ILE A 389 8.90 -21.55 -8.99
CA ILE A 389 8.44 -21.75 -10.35
C ILE A 389 9.62 -21.52 -11.28
N ASN A 390 10.14 -22.61 -11.81
CA ASN A 390 11.40 -22.61 -12.54
C ASN A 390 11.21 -22.74 -14.05
N SER A 391 11.99 -21.97 -14.80
CA SER A 391 12.05 -22.13 -16.25
C SER A 391 12.86 -23.36 -16.62
N GLN A 392 12.89 -23.67 -17.91
CA GLN A 392 13.84 -24.63 -18.46
C GLN A 392 15.22 -23.95 -18.49
N GLU A 393 16.28 -24.75 -18.46
CA GLU A 393 17.63 -24.21 -18.60
C GLU A 393 17.86 -23.78 -20.04
N LEU A 394 18.18 -22.50 -20.26
CA LEU A 394 18.56 -22.04 -21.61
C LEU A 394 20.05 -21.76 -21.76
N ASN A 395 20.48 -20.52 -21.59
CA ASN A 395 21.91 -20.23 -21.64
C ASN A 395 22.60 -20.62 -20.34
N SER A 396 22.58 -21.91 -20.04
CA SER A 396 23.08 -22.51 -18.78
C SER A 396 22.54 -21.90 -17.47
N SER A 397 21.43 -21.17 -17.57
CA SER A 397 20.77 -20.59 -16.39
C SER A 397 19.26 -20.85 -16.39
N VAL A 398 18.71 -20.96 -15.18
CA VAL A 398 17.29 -21.10 -14.97
C VAL A 398 16.75 -19.81 -14.34
N ASP A 399 15.65 -19.29 -14.88
CA ASP A 399 14.92 -18.19 -14.24
C ASP A 399 13.86 -18.75 -13.28
N SER A 400 13.71 -18.10 -12.13
CA SER A 400 12.75 -18.56 -11.15
C SER A 400 11.94 -17.42 -10.52
N ILE A 401 10.67 -17.69 -10.24
CA ILE A 401 9.90 -16.85 -9.33
C ILE A 401 9.51 -17.66 -8.10
N LYS A 402 9.24 -16.97 -7.01
CA LYS A 402 9.14 -17.57 -5.70
C LYS A 402 7.85 -17.12 -5.02
N ILE A 403 7.11 -18.08 -4.49
CA ILE A 403 5.92 -17.80 -3.67
C ILE A 403 6.11 -18.58 -2.39
N GLY A 404 6.00 -17.91 -1.25
CA GLY A 404 6.21 -18.58 0.02
C GLY A 404 5.29 -18.15 1.13
N PHE A 405 5.52 -18.73 2.30
CA PHE A 405 4.75 -18.40 3.48
C PHE A 405 5.71 -18.40 4.64
N ASP A 406 5.60 -17.40 5.51
CA ASP A 406 6.40 -17.36 6.72
C ASP A 406 5.47 -17.53 7.89
N SER A 407 5.71 -18.56 8.70
CA SER A 407 4.85 -18.86 9.87
C SER A 407 4.97 -17.85 11.00
N SER A 408 6.15 -17.29 11.21
CA SER A 408 6.34 -16.27 12.26
C SER A 408 5.54 -15.01 11.94
N GLN A 409 5.36 -14.73 10.66
CA GLN A 409 4.68 -13.51 10.22
C GLN A 409 3.24 -13.77 9.80
N SER A 410 2.87 -15.05 9.71
CA SER A 410 1.53 -15.46 9.24
C SER A 410 1.22 -14.79 7.90
N SER A 411 2.22 -14.73 7.02
CA SER A 411 2.14 -13.96 5.78
C SER A 411 2.68 -14.72 4.58
N PHE A 412 1.94 -14.68 3.49
CA PHE A 412 2.43 -15.18 2.20
C PHE A 412 3.22 -14.07 1.54
N TYR A 413 4.08 -14.45 0.61
CA TYR A 413 4.84 -13.47 -0.16
C TYR A 413 5.16 -13.98 -1.56
N ILE A 414 5.45 -13.04 -2.45
CA ILE A 414 5.99 -13.36 -3.76
C ILE A 414 7.29 -12.59 -3.93
N ASP A 415 8.22 -13.20 -4.68
CA ASP A 415 9.38 -12.51 -5.19
C ASP A 415 9.43 -12.78 -6.68
N ARG A 416 9.10 -11.77 -7.48
CA ARG A 416 9.10 -11.91 -8.93
C ARG A 416 10.37 -11.39 -9.59
N HIS A 417 11.40 -11.12 -8.79
CA HIS A 417 12.67 -10.66 -9.37
C HIS A 417 13.26 -11.70 -10.31
N ILE A 418 13.64 -11.25 -11.51
CA ILE A 418 14.38 -12.08 -12.47
C ILE A 418 15.65 -11.34 -12.90
N PRO A 419 16.82 -11.95 -12.70
CA PRO A 419 18.04 -11.25 -13.10
C PRO A 419 18.16 -11.13 -14.61
N ASN A 420 18.83 -10.07 -15.06
CA ASN A 420 19.17 -9.86 -16.46
C ASN A 420 17.99 -9.69 -17.41
N VAL A 421 16.84 -9.30 -16.85
CA VAL A 421 15.73 -8.86 -17.67
C VAL A 421 15.52 -7.38 -17.36
N GLU A 422 15.71 -6.55 -18.38
CA GLU A 422 15.58 -5.09 -18.23
C GLU A 422 14.53 -4.55 -19.17
N PHE A 423 13.78 -3.57 -18.68
CA PHE A 423 12.86 -2.80 -19.53
C PHE A 423 12.57 -1.45 -18.88
N PRO A 424 12.15 -0.46 -19.70
CA PRO A 424 11.91 0.87 -19.14
C PRO A 424 10.92 0.88 -17.98
N ARG A 425 11.18 1.74 -17.00
CA ARG A 425 10.33 1.98 -15.83
C ARG A 425 10.25 0.81 -14.85
N LYS A 426 11.27 -0.04 -14.89
CA LYS A 426 11.34 -1.15 -13.97
C LYS A 426 11.62 -0.69 -12.53
N GLN A 427 11.96 0.59 -12.36
CA GLN A 427 12.09 1.18 -11.02
C GLN A 427 10.78 1.06 -10.25
N PHE A 428 9.68 0.93 -10.98
CA PHE A 428 8.34 0.85 -10.41
C PHE A 428 7.84 -0.59 -10.38
N PHE A 429 8.65 -1.50 -10.89
CA PHE A 429 8.26 -2.91 -10.99
C PHE A 429 8.62 -3.60 -9.68
N THR A 430 7.78 -3.41 -8.67
CA THR A 430 8.00 -3.96 -7.35
C THR A 430 8.15 -5.49 -7.42
N ASP A 431 9.24 -6.00 -6.83
CA ASP A 431 9.54 -7.43 -6.91
C ASP A 431 8.96 -8.20 -5.74
N LYS A 432 8.96 -7.58 -4.56
CA LYS A 432 8.51 -8.26 -3.34
C LYS A 432 7.21 -7.69 -2.83
N LEU A 433 6.26 -8.59 -2.56
CA LEU A 433 4.96 -8.22 -2.03
C LEU A 433 4.54 -9.27 -1.03
N ALA A 434 3.66 -8.89 -0.10
CA ALA A 434 3.24 -9.79 0.96
C ALA A 434 1.75 -9.67 1.22
N ALA A 435 1.20 -10.64 1.95
CA ALA A 435 -0.19 -10.63 2.36
C ALA A 435 -0.35 -11.32 3.71
N TYR A 436 -0.76 -10.56 4.72
CA TYR A 436 -1.05 -11.12 6.04
C TYR A 436 -2.46 -11.69 6.01
N LEU A 437 -2.59 -12.89 6.59
CA LEU A 437 -3.86 -13.60 6.69
C LEU A 437 -3.85 -14.41 7.97
N GLU A 438 -4.95 -14.32 8.69
CA GLU A 438 -5.22 -15.18 9.85
C GLU A 438 -5.41 -16.60 9.34
N PRO A 439 -5.32 -17.65 10.20
CA PRO A 439 -5.50 -19.02 9.71
C PRO A 439 -6.86 -19.21 9.05
N LEU A 440 -6.93 -20.12 8.09
CA LEU A 440 -8.20 -20.54 7.52
C LEU A 440 -9.00 -21.29 8.59
N ASP A 441 -8.28 -22.10 9.35
CA ASP A 441 -8.89 -22.96 10.36
C ASP A 441 -7.85 -23.35 11.43
N TYR A 442 -8.33 -24.04 12.46
CA TYR A 442 -7.46 -24.62 13.49
C TYR A 442 -7.76 -26.10 13.58
N ASP A 443 -6.73 -26.92 13.43
CA ASP A 443 -6.86 -28.35 13.67
C ASP A 443 -6.27 -28.60 15.06
N GLN A 444 -7.16 -28.67 16.04
CA GLN A 444 -6.78 -28.61 17.45
C GLN A 444 -6.23 -27.21 17.75
N ASP A 445 -4.93 -27.15 18.01
CA ASP A 445 -4.22 -25.90 18.30
C ASP A 445 -3.38 -25.44 17.11
N LEU A 446 -3.36 -26.26 16.06
CA LEU A 446 -2.52 -26.04 14.88
C LEU A 446 -3.19 -25.14 13.85
N ARG A 447 -2.46 -24.12 13.39
CA ARG A 447 -2.98 -23.19 12.39
C ARG A 447 -3.00 -23.85 11.01
N VAL A 448 -4.14 -23.74 10.33
CA VAL A 448 -4.30 -24.25 8.97
C VAL A 448 -4.49 -23.11 7.97
N PHE A 449 -3.82 -23.19 6.83
CA PHE A 449 -3.97 -22.20 5.75
C PHE A 449 -4.18 -22.90 4.41
N SER A 450 -4.78 -22.19 3.45
CA SER A 450 -4.80 -22.70 2.09
C SER A 450 -4.25 -21.69 1.07
N LEU A 451 -3.80 -22.24 -0.05
CA LEU A 451 -3.24 -21.46 -1.13
C LEU A 451 -3.63 -22.11 -2.46
N TYR A 452 -4.19 -21.32 -3.37
CA TYR A 452 -4.33 -21.71 -4.77
C TYR A 452 -3.61 -20.70 -5.67
N GLY A 453 -2.79 -21.20 -6.57
CA GLY A 453 -2.09 -20.33 -7.50
C GLY A 453 -2.21 -20.87 -8.91
N ILE A 454 -2.34 -19.98 -9.88
CA ILE A 454 -2.27 -20.38 -11.27
C ILE A 454 -1.26 -19.50 -12.01
N VAL A 455 -0.38 -20.14 -12.76
CA VAL A 455 0.71 -19.48 -13.50
C VAL A 455 0.47 -19.73 -14.98
N ASP A 456 0.40 -18.65 -15.75
CA ASP A 456 0.09 -18.75 -17.17
C ASP A 456 1.08 -17.92 -17.97
N LYS A 457 2.25 -18.51 -18.20
CA LYS A 457 3.35 -17.96 -19.02
C LYS A 457 3.97 -16.62 -18.62
N ASN A 458 3.15 -15.63 -18.26
CA ASN A 458 3.69 -14.35 -17.78
C ASN A 458 2.87 -13.68 -16.67
N ILE A 459 1.92 -14.43 -16.11
CA ILE A 459 1.06 -13.90 -15.07
C ILE A 459 0.77 -14.95 -14.01
N ILE A 460 0.89 -14.56 -12.74
CA ILE A 460 0.56 -15.47 -11.65
C ILE A 460 -0.55 -14.86 -10.80
N GLU A 461 -1.59 -15.67 -10.57
CA GLU A 461 -2.71 -15.25 -9.75
C GLU A 461 -2.72 -16.12 -8.49
N LEU A 462 -2.75 -15.48 -7.33
CA LEU A 462 -2.69 -16.19 -6.07
C LEU A 462 -3.95 -15.94 -5.27
N TYR A 463 -4.48 -17.01 -4.66
CA TYR A 463 -5.69 -16.90 -3.87
C TYR A 463 -5.47 -17.57 -2.52
N PHE A 464 -5.46 -16.76 -1.47
CA PHE A 464 -5.12 -17.24 -0.13
C PHE A 464 -6.36 -17.53 0.71
N ASN A 465 -6.32 -18.64 1.45
CA ASN A 465 -7.44 -19.09 2.29
C ASN A 465 -8.80 -19.08 1.58
N ASP A 466 -8.90 -19.87 0.52
CA ASP A 466 -10.13 -20.01 -0.26
C ASP A 466 -10.68 -18.66 -0.75
N GLY A 467 -9.79 -17.84 -1.31
CA GLY A 467 -10.18 -16.56 -1.89
C GLY A 467 -10.34 -15.37 -0.94
N THR A 468 -9.88 -15.52 0.30
CA THR A 468 -9.94 -14.43 1.30
C THR A 468 -9.16 -13.19 0.86
N VAL A 469 -7.96 -13.40 0.33
CA VAL A 469 -7.26 -12.35 -0.41
C VAL A 469 -6.68 -12.88 -1.71
N ALA A 470 -6.70 -12.01 -2.72
CA ALA A 470 -6.19 -12.31 -4.03
C ALA A 470 -5.01 -11.38 -4.33
N MET A 471 -4.04 -11.90 -5.07
CA MET A 471 -2.86 -11.13 -5.47
C MET A 471 -2.48 -11.50 -6.89
N THR A 472 -2.49 -10.51 -7.79
CA THR A 472 -2.19 -10.72 -9.21
C THR A 472 -0.94 -9.95 -9.64
N ASN A 473 0.00 -10.66 -10.27
CA ASN A 473 1.26 -10.08 -10.72
C ASN A 473 1.74 -10.68 -12.02
N THR A 474 2.15 -9.84 -12.96
CA THR A 474 2.87 -10.32 -14.14
C THR A 474 4.33 -10.58 -13.79
N PHE A 475 5.00 -11.39 -14.60
CA PHE A 475 6.45 -11.61 -14.47
C PHE A 475 7.04 -11.87 -15.85
N PHE A 476 8.33 -11.55 -15.99
CA PHE A 476 8.99 -11.61 -17.28
C PHE A 476 10.35 -12.30 -17.19
N MET A 477 10.35 -13.56 -17.58
CA MET A 477 11.55 -14.37 -17.62
C MET A 477 12.38 -13.98 -18.84
N GLY A 478 13.66 -14.34 -18.82
CA GLY A 478 14.55 -14.11 -19.97
C GLY A 478 13.99 -14.67 -21.26
N GLU A 479 14.44 -14.10 -22.37
CA GLU A 479 14.03 -14.49 -23.71
C GLU A 479 14.06 -16.01 -23.89
N GLY A 480 12.96 -16.55 -24.40
CA GLY A 480 12.84 -17.98 -24.65
C GLY A 480 12.42 -18.81 -23.45
N LYS A 481 12.53 -18.26 -22.24
CA LYS A 481 12.22 -19.00 -21.01
C LYS A 481 10.78 -18.85 -20.55
N TYR A 482 10.24 -19.95 -20.03
CA TYR A 482 8.91 -19.97 -19.43
C TYR A 482 8.81 -21.11 -18.41
N PRO A 483 7.80 -21.05 -17.51
CA PRO A 483 7.68 -22.05 -16.46
C PRO A 483 7.71 -23.48 -16.98
N HIS A 484 8.54 -24.30 -16.36
CA HIS A 484 8.71 -25.71 -16.77
C HIS A 484 8.48 -26.69 -15.65
N ASP A 485 8.91 -26.35 -14.43
CA ASP A 485 8.66 -27.20 -13.28
C ASP A 485 8.43 -26.41 -12.00
N ILE A 486 7.78 -27.06 -11.04
CA ILE A 486 7.45 -26.44 -9.78
C ILE A 486 8.08 -27.25 -8.66
N GLN A 487 8.65 -26.54 -7.68
CA GLN A 487 9.20 -27.17 -6.49
C GLN A 487 8.54 -26.56 -5.26
N ILE A 488 8.40 -27.38 -4.23
CA ILE A 488 8.02 -26.88 -2.92
C ILE A 488 9.15 -27.30 -1.97
N VAL A 489 9.82 -26.31 -1.38
CA VAL A 489 11.02 -26.57 -0.58
C VAL A 489 10.99 -25.87 0.78
N THR A 490 11.87 -26.31 1.67
CA THR A 490 12.06 -25.69 2.99
C THR A 490 13.46 -26.00 3.51
N ASP A 491 13.95 -25.20 4.45
CA ASP A 491 15.29 -25.41 5.00
C ASP A 491 15.25 -26.14 6.35
N THR A 492 14.05 -26.32 6.91
CA THR A 492 13.90 -26.96 8.22
C THR A 492 14.25 -28.44 8.15
N GLU A 493 15.01 -28.90 9.13
CA GLU A 493 15.45 -30.30 9.18
C GLU A 493 14.33 -31.19 9.72
N GLU A 494 13.60 -30.68 10.71
CA GLU A 494 12.39 -31.31 11.20
C GLU A 494 11.20 -30.61 10.55
N PRO A 495 10.02 -31.27 10.52
CA PRO A 495 8.86 -30.67 9.84
C PRO A 495 8.24 -29.50 10.61
N LEU A 496 8.25 -28.32 10.01
CA LEU A 496 7.50 -27.16 10.52
C LEU A 496 6.14 -27.05 9.84
N PHE A 497 6.07 -27.51 8.58
CA PHE A 497 4.85 -27.44 7.79
C PHE A 497 4.39 -28.83 7.37
N GLU A 498 3.12 -29.12 7.59
CA GLU A 498 2.52 -30.33 7.05
C GLU A 498 1.60 -29.97 5.91
N LEU A 499 1.89 -30.51 4.73
CA LEU A 499 1.05 -30.32 3.56
C LEU A 499 -0.02 -31.40 3.56
N GLU A 500 -1.21 -31.02 4.04
CA GLU A 500 -2.34 -31.94 4.12
C GLU A 500 -2.76 -32.40 2.74
N SER A 501 -2.75 -31.47 1.79
CA SER A 501 -3.11 -31.76 0.40
C SER A 501 -2.26 -30.89 -0.53
N VAL A 502 -1.66 -31.53 -1.54
CA VAL A 502 -0.91 -30.83 -2.58
C VAL A 502 -1.35 -31.37 -3.94
N ILE A 503 -1.82 -30.48 -4.81
CA ILE A 503 -2.13 -30.85 -6.19
C ILE A 503 -1.49 -29.83 -7.13
N ILE A 504 -0.50 -30.28 -7.91
CA ILE A 504 0.16 -29.44 -8.90
C ILE A 504 -0.14 -30.04 -10.27
N ARG A 505 -0.74 -29.24 -11.15
CA ARG A 505 -1.10 -29.72 -12.49
C ARG A 505 -0.49 -28.87 -13.58
N GLU A 506 -0.05 -29.54 -14.64
CA GLU A 506 0.28 -28.89 -15.89
C GLU A 506 -1.00 -28.90 -16.72
N LEU A 507 -1.45 -27.71 -17.12
CA LEU A 507 -2.71 -27.51 -17.81
C LEU A 507 -2.50 -27.09 -19.27
N ASN A 508 -3.54 -27.27 -20.10
CA ASN A 508 -3.51 -26.81 -21.48
C ASN A 508 -4.87 -26.25 -21.93
N LYS A 509 -4.84 -25.34 -22.90
CA LYS A 509 -6.05 -24.81 -23.53
C LYS A 509 -7.07 -25.91 -23.77
N LEU B 1 28.07 -9.80 21.68
CA LEU B 1 28.95 -8.98 22.58
C LEU B 1 30.29 -8.57 21.94
N SER B 2 30.89 -9.48 21.17
CA SER B 2 32.17 -9.23 20.50
C SER B 2 32.00 -8.31 19.30
N VAL B 3 30.82 -8.37 18.67
CA VAL B 3 30.59 -7.70 17.41
C VAL B 3 29.88 -6.36 17.61
N ASP B 4 30.52 -5.29 17.17
CA ASP B 4 29.94 -3.95 17.21
C ASP B 4 29.97 -3.36 15.81
N THR B 5 28.79 -3.13 15.25
CA THR B 5 28.65 -2.61 13.89
C THR B 5 28.59 -1.07 13.81
N SER B 6 28.60 -0.40 14.97
CA SER B 6 28.46 1.06 15.06
C SER B 6 29.22 1.86 14.02
N GLU B 7 30.49 1.52 13.80
CA GLU B 7 31.41 2.25 12.93
C GLU B 7 30.81 2.52 11.55
N TYR B 8 30.11 1.54 11.01
CA TYR B 8 29.52 1.70 9.68
C TYR B 8 28.00 1.76 9.69
N ASN B 9 27.39 1.38 10.82
CA ASN B 9 25.94 1.10 10.91
C ASN B 9 25.10 1.96 11.83
N ARG B 10 25.72 2.61 12.79
CA ARG B 10 24.98 3.34 13.82
C ARG B 10 24.76 4.81 13.43
N PRO B 11 23.47 5.23 13.32
CA PRO B 11 23.19 6.63 13.00
C PRO B 11 23.90 7.59 13.94
N LEU B 12 24.26 8.77 13.42
CA LEU B 12 24.89 9.83 14.20
C LEU B 12 23.88 10.75 14.88
N ILE B 13 22.75 11.02 14.23
CA ILE B 13 21.78 11.98 14.78
C ILE B 13 20.35 11.45 14.90
N HIS B 14 20.19 10.14 14.78
CA HIS B 14 18.93 9.48 15.14
C HIS B 14 19.17 8.75 16.44
N PHE B 15 18.28 8.88 17.42
CA PHE B 15 18.51 8.18 18.68
C PHE B 15 18.55 6.67 18.51
N THR B 16 19.58 6.07 19.08
CA THR B 16 19.68 4.63 19.22
C THR B 16 20.09 4.34 20.67
N PRO B 17 19.51 3.27 21.28
CA PRO B 17 20.03 2.86 22.60
C PRO B 17 21.44 2.30 22.43
N GLU B 18 22.30 2.51 23.41
CA GLU B 18 23.65 1.99 23.35
C GLU B 18 23.66 0.47 23.13
N LYS B 19 22.79 -0.23 23.85
CA LYS B 19 22.70 -1.69 23.74
C LYS B 19 21.28 -2.21 23.95
N GLY B 20 20.95 -3.29 23.26
CA GLY B 20 19.63 -3.89 23.40
C GLY B 20 18.63 -3.47 22.35
N TRP B 21 17.35 -3.65 22.67
CA TRP B 21 16.28 -3.53 21.70
C TRP B 21 15.38 -2.33 22.01
N MET B 22 15.02 -1.57 20.97
CA MET B 22 14.06 -0.48 21.10
C MET B 22 12.92 -0.61 20.07
N ASN B 23 11.69 -0.40 20.52
CA ASN B 23 10.58 -0.13 19.58
C ASN B 23 9.88 1.23 19.86
N ASP B 24 8.57 1.24 20.09
CA ASP B 24 7.79 2.50 20.14
C ASP B 24 8.39 3.60 21.01
N PRO B 25 8.45 4.84 20.48
CA PRO B 25 8.80 6.00 21.31
C PRO B 25 7.67 6.27 22.30
N ASN B 26 8.01 6.68 23.52
CA ASN B 26 7.01 6.87 24.60
C ASN B 26 7.21 8.18 25.35
N GLY B 27 6.15 8.63 26.03
CA GLY B 27 6.25 9.74 26.98
C GLY B 27 6.97 10.97 26.48
N LEU B 28 6.81 11.28 25.19
CA LEU B 28 7.50 12.41 24.59
C LEU B 28 7.00 13.72 25.20
N PHE B 29 7.92 14.50 25.75
CA PHE B 29 7.57 15.81 26.31
C PHE B 29 8.75 16.76 26.41
N TYR B 30 8.43 18.04 26.56
CA TYR B 30 9.40 19.10 26.75
C TYR B 30 9.28 19.67 28.16
N ASP B 31 10.39 19.64 28.89
CA ASP B 31 10.49 20.29 30.20
C ASP B 31 10.85 21.76 29.96
N LYS B 32 9.88 22.66 30.19
CA LYS B 32 10.09 24.09 29.95
C LYS B 32 11.09 24.76 30.88
N THR B 33 11.17 24.29 32.12
CA THR B 33 12.11 24.87 33.08
C THR B 33 13.55 24.38 32.84
N ALA B 34 13.72 23.07 32.63
CA ALA B 34 15.03 22.52 32.31
C ALA B 34 15.44 22.73 30.85
N LYS B 35 14.49 23.14 30.01
CA LYS B 35 14.71 23.32 28.56
C LYS B 35 15.22 22.02 27.91
N LEU B 36 14.49 20.93 28.16
CA LEU B 36 14.97 19.61 27.82
C LEU B 36 13.89 18.79 27.13
N TRP B 37 14.26 18.15 26.03
CA TRP B 37 13.38 17.21 25.34
C TRP B 37 13.57 15.83 25.93
N HIS B 38 12.47 15.18 26.27
CA HIS B 38 12.53 13.81 26.78
C HIS B 38 12.02 12.81 25.76
N LEU B 39 12.81 11.76 25.55
CA LEU B 39 12.40 10.60 24.76
C LEU B 39 12.43 9.37 25.66
N TYR B 40 11.28 8.72 25.82
CA TYR B 40 11.23 7.41 26.45
C TYR B 40 10.93 6.42 25.33
N PHE B 41 11.09 5.13 25.60
CA PHE B 41 10.94 4.13 24.55
C PHE B 41 10.78 2.73 25.08
N GLN B 42 10.00 1.93 24.35
CA GLN B 42 9.89 0.51 24.61
C GLN B 42 11.28 -0.10 24.53
N TYR B 43 11.70 -0.74 25.63
CA TYR B 43 13.10 -1.10 25.80
C TYR B 43 13.29 -2.47 26.40
N ASN B 44 14.01 -3.33 25.69
CA ASN B 44 14.52 -4.58 26.25
C ASN B 44 16.03 -4.55 26.30
N PRO B 45 16.62 -4.34 27.49
CA PRO B 45 18.07 -4.23 27.65
C PRO B 45 18.79 -5.57 27.50
N ASN B 46 18.03 -6.65 27.52
CA ASN B 46 18.61 -7.99 27.69
C ASN B 46 18.77 -8.79 26.41
N ALA B 47 18.29 -8.23 25.29
CA ALA B 47 18.44 -8.86 23.99
C ALA B 47 18.29 -7.83 22.88
N THR B 48 18.73 -8.20 21.69
CA THR B 48 18.52 -7.37 20.51
C THR B 48 17.22 -7.77 19.77
N ALA B 49 16.20 -8.05 20.57
CA ALA B 49 14.86 -8.41 20.10
C ALA B 49 13.87 -8.11 21.21
N TRP B 50 12.59 -8.03 20.85
CA TRP B 50 11.52 -7.78 21.81
C TRP B 50 11.49 -8.90 22.84
N GLY B 51 11.29 -8.53 24.10
CA GLY B 51 11.22 -9.52 25.16
C GLY B 51 10.71 -8.92 26.46
N GLN B 52 10.05 -9.75 27.29
CA GLN B 52 9.59 -9.28 28.62
C GLN B 52 10.49 -9.86 29.82
N PRO B 53 11.14 -8.91 30.60
CA PRO B 53 10.83 -7.68 31.37
C PRO B 53 10.84 -6.52 30.38
N LEU B 54 9.76 -5.83 30.07
CA LEU B 54 9.88 -4.72 29.12
C LEU B 54 9.79 -3.40 29.86
N TYR B 55 10.68 -2.46 29.51
CA TYR B 55 10.85 -1.21 30.26
C TYR B 55 10.65 0.04 29.39
N TRP B 56 10.39 1.17 30.06
CA TRP B 56 10.55 2.48 29.42
C TRP B 56 12.00 2.90 29.60
N GLY B 57 12.74 2.93 28.49
CA GLY B 57 14.07 3.51 28.45
C GLY B 57 13.91 5.00 28.42
N HIS B 58 15.03 5.73 28.54
CA HIS B 58 14.97 7.18 28.66
C HIS B 58 16.22 7.87 28.15
N ALA B 59 16.00 8.88 27.30
CA ALA B 59 17.06 9.74 26.81
C ALA B 59 16.58 11.20 26.80
N THR B 60 17.52 12.14 26.94
CA THR B 60 17.20 13.57 26.86
C THR B 60 18.06 14.30 25.84
N SER B 61 17.55 15.41 25.33
CA SER B 61 18.26 16.24 24.34
C SER B 61 17.93 17.72 24.49
N ASN B 62 18.90 18.59 24.26
CA ASN B 62 18.60 20.02 24.26
C ASN B 62 18.25 20.58 22.87
N ASP B 63 18.35 19.74 21.85
CA ASP B 63 18.24 20.20 20.46
C ASP B 63 17.57 19.22 19.48
N LEU B 64 17.17 18.05 20.00
CA LEU B 64 16.50 16.99 19.24
C LEU B 64 17.42 16.20 18.29
N VAL B 65 18.73 16.43 18.36
CA VAL B 65 19.70 15.61 17.60
C VAL B 65 20.81 14.97 18.45
N HIS B 66 21.23 15.64 19.52
CA HIS B 66 22.22 15.11 20.45
C HIS B 66 21.54 14.51 21.67
N TRP B 67 21.64 13.19 21.83
CA TRP B 67 20.90 12.51 22.89
C TRP B 67 21.81 11.98 24.00
N ASP B 68 21.34 12.13 25.23
CA ASP B 68 22.00 11.57 26.41
C ASP B 68 21.12 10.49 27.00
N GLU B 69 21.57 9.24 26.91
CA GLU B 69 20.83 8.08 27.41
C GLU B 69 20.97 7.94 28.92
N HIS B 70 19.85 7.75 29.60
CA HIS B 70 19.81 7.64 31.06
C HIS B 70 19.49 6.24 31.53
N GLU B 71 19.41 6.06 32.84
CA GLU B 71 18.93 4.79 33.42
C GLU B 71 17.45 4.60 33.06
N ILE B 72 17.01 3.35 33.06
CA ILE B 72 15.60 3.00 32.81
C ILE B 72 14.69 3.86 33.69
N ALA B 73 13.57 4.33 33.13
CA ALA B 73 12.66 5.19 33.87
C ALA B 73 11.54 4.43 34.57
N ILE B 74 10.98 3.42 33.90
CA ILE B 74 9.89 2.62 34.46
C ILE B 74 10.09 1.15 34.10
N GLY B 75 9.80 0.27 35.07
CA GLY B 75 9.94 -1.16 34.88
C GLY B 75 8.73 -1.91 35.42
N PRO B 76 8.54 -3.16 34.97
CA PRO B 76 7.38 -3.94 35.40
C PRO B 76 7.60 -4.55 36.79
N GLU B 77 6.51 -5.04 37.40
CA GLU B 77 6.59 -5.64 38.73
C GLU B 77 7.22 -7.03 38.70
N HIS B 78 6.99 -7.76 37.61
CA HIS B 78 7.52 -9.11 37.48
C HIS B 78 8.15 -9.32 36.09
N ASP B 79 9.03 -10.32 35.98
CA ASP B 79 9.68 -10.66 34.71
C ASP B 79 8.65 -11.12 33.68
N ASN B 80 7.48 -11.48 34.19
CA ASN B 80 6.31 -11.87 33.43
C ASN B 80 5.66 -10.75 32.63
N GLU B 81 6.07 -9.51 32.91
CA GLU B 81 5.27 -8.35 32.56
C GLU B 81 6.06 -7.28 31.81
N GLY B 82 5.37 -6.22 31.42
CA GLY B 82 5.99 -5.12 30.67
C GLY B 82 5.27 -3.81 30.80
N ILE B 83 6.05 -2.74 30.80
CA ILE B 83 5.50 -1.40 30.70
C ILE B 83 5.41 -1.08 29.21
N PHE B 84 4.21 -1.28 28.66
CA PHE B 84 3.94 -1.05 27.25
C PHE B 84 3.83 0.44 26.94
N SER B 85 3.43 0.79 25.72
CA SER B 85 3.54 2.15 25.24
C SER B 85 2.64 3.14 25.97
N GLY B 86 2.95 4.42 25.85
CA GLY B 86 2.22 5.43 26.56
C GLY B 86 2.79 6.81 26.38
N SER B 87 2.28 7.76 27.16
CA SER B 87 2.61 9.15 27.00
C SER B 87 2.84 9.81 28.34
N ILE B 88 3.23 11.08 28.29
CA ILE B 88 3.42 11.93 29.46
C ILE B 88 2.69 13.24 29.30
N VAL B 89 2.12 13.72 30.40
CA VAL B 89 1.59 15.07 30.47
C VAL B 89 2.18 15.78 31.68
N VAL B 90 2.14 17.10 31.64
CA VAL B 90 2.55 17.94 32.76
C VAL B 90 1.30 18.55 33.40
N ASP B 91 1.05 18.13 34.63
CA ASP B 91 -0.15 18.50 35.38
C ASP B 91 0.14 19.77 36.17
N HIS B 92 0.12 20.91 35.47
CA HIS B 92 0.50 22.20 36.05
C HIS B 92 -0.25 22.56 37.33
N ASN B 93 -1.55 22.34 37.34
CA ASN B 93 -2.40 22.74 38.48
C ASN B 93 -2.66 21.64 39.50
N ASN B 94 -1.86 20.57 39.44
CA ASN B 94 -1.97 19.44 40.37
C ASN B 94 -3.39 18.87 40.44
N THR B 95 -4.04 18.76 39.29
CA THR B 95 -5.36 18.12 39.19
C THR B 95 -5.28 16.69 39.73
N SER B 96 -4.10 16.09 39.61
CA SER B 96 -3.86 14.72 40.05
C SER B 96 -3.64 14.57 41.56
N GLY B 97 -3.20 15.66 42.20
CA GLY B 97 -2.93 15.65 43.64
C GLY B 97 -1.63 14.98 44.06
N PHE B 98 -0.75 14.72 43.08
CA PHE B 98 0.54 14.09 43.35
C PHE B 98 1.64 15.07 43.75
N PHE B 99 1.43 16.36 43.48
CA PHE B 99 2.53 17.35 43.49
C PHE B 99 2.41 18.45 44.55
N ASN B 100 3.53 18.71 45.25
CA ASN B 100 3.65 19.78 46.23
C ASN B 100 3.88 21.14 45.60
N SER B 101 3.88 22.18 46.43
CA SER B 101 4.43 23.48 46.07
C SER B 101 5.93 23.34 45.84
N SER B 102 6.49 22.23 46.29
CA SER B 102 7.90 21.91 46.11
C SER B 102 8.26 21.50 44.66
N ILE B 103 7.24 21.17 43.87
CA ILE B 103 7.46 20.74 42.49
C ILE B 103 7.02 21.85 41.52
N ASP B 104 7.97 22.33 40.71
CA ASP B 104 7.74 23.35 39.69
C ASP B 104 6.58 22.93 38.78
N PRO B 105 5.63 23.87 38.51
CA PRO B 105 4.47 23.65 37.65
C PRO B 105 4.76 22.90 36.34
N ASN B 106 5.76 23.33 35.57
CA ASN B 106 6.08 22.56 34.35
C ASN B 106 7.01 21.36 34.51
N GLN B 107 7.21 20.90 35.75
CA GLN B 107 7.90 19.65 36.01
C GLN B 107 7.00 18.65 36.74
N ARG B 108 5.70 18.90 36.71
CA ARG B 108 4.71 18.02 37.34
C ARG B 108 4.34 16.86 36.41
N ILE B 109 5.28 15.94 36.28
CA ILE B 109 5.29 14.91 35.23
C ILE B 109 4.50 13.65 35.60
N VAL B 110 3.52 13.32 34.77
CA VAL B 110 2.71 12.11 34.96
C VAL B 110 2.81 11.23 33.72
N ALA B 111 3.27 9.99 33.89
CA ALA B 111 3.26 9.02 32.78
C ALA B 111 1.95 8.23 32.79
N ILE B 112 1.38 8.03 31.61
CA ILE B 112 0.20 7.20 31.44
C ILE B 112 0.59 6.12 30.43
N TYR B 113 0.51 4.86 30.86
CA TYR B 113 1.04 3.74 30.09
C TYR B 113 0.16 2.50 30.20
N THR B 114 0.35 1.57 29.26
CA THR B 114 -0.27 0.26 29.32
C THR B 114 0.60 -0.69 30.15
N ASN B 115 -0.01 -1.29 31.17
CA ASN B 115 0.65 -2.33 31.94
C ASN B 115 0.26 -3.68 31.34
N ASN B 116 1.23 -4.41 30.81
CA ASN B 116 0.98 -5.72 30.23
C ASN B 116 1.28 -6.83 31.21
N ILE B 117 0.26 -7.66 31.44
CA ILE B 117 0.30 -8.79 32.35
C ILE B 117 -0.26 -9.96 31.55
N PRO B 118 0.13 -11.21 31.89
CA PRO B 118 -0.53 -12.33 31.22
C PRO B 118 -2.06 -12.21 31.26
N ASP B 119 -2.68 -12.26 30.08
CA ASP B 119 -4.15 -12.16 29.91
C ASP B 119 -4.77 -10.81 30.20
N ASN B 120 -3.97 -9.76 30.38
CA ASN B 120 -4.51 -8.47 30.79
C ASN B 120 -3.70 -7.27 30.30
N GLN B 121 -4.41 -6.29 29.74
CA GLN B 121 -3.82 -4.98 29.41
C GLN B 121 -4.64 -3.86 30.03
N THR B 122 -4.00 -3.08 30.90
CA THR B 122 -4.67 -1.99 31.60
C THR B 122 -3.93 -0.68 31.41
N GLN B 123 -4.62 0.43 31.68
CA GLN B 123 -3.99 1.74 31.67
C GLN B 123 -3.66 2.14 33.12
N ASP B 124 -2.37 2.38 33.35
CA ASP B 124 -1.85 2.76 34.65
C ASP B 124 -1.17 4.11 34.56
N ILE B 125 -1.01 4.76 35.70
CA ILE B 125 -0.27 6.02 35.77
C ILE B 125 0.85 5.99 36.81
N ALA B 126 1.82 6.88 36.65
CA ALA B 126 2.95 7.02 37.56
C ALA B 126 3.44 8.47 37.49
N PHE B 127 3.96 8.99 38.60
CA PHE B 127 4.40 10.38 38.67
C PHE B 127 5.90 10.49 38.96
N SER B 128 6.51 11.56 38.47
CA SER B 128 7.92 11.83 38.70
C SER B 128 8.12 13.12 39.47
N LEU B 129 8.96 13.05 40.50
CA LEU B 129 9.29 14.22 41.32
C LEU B 129 10.71 14.72 41.08
N ASP B 130 11.40 14.15 40.09
CA ASP B 130 12.77 14.55 39.80
C ASP B 130 13.02 14.94 38.35
N GLY B 131 11.97 15.43 37.69
CA GLY B 131 12.11 15.92 36.32
C GLY B 131 11.98 14.86 35.24
N GLY B 132 11.42 13.71 35.62
CA GLY B 132 11.17 12.61 34.68
C GLY B 132 12.19 11.48 34.64
N TYR B 133 13.04 11.38 35.65
CA TYR B 133 14.08 10.34 35.67
C TYR B 133 13.70 9.10 36.47
N THR B 134 12.93 9.28 37.54
CA THR B 134 12.42 8.15 38.33
C THR B 134 10.93 8.34 38.54
N PHE B 135 10.20 7.22 38.62
CA PHE B 135 8.75 7.27 38.73
C PHE B 135 8.20 6.45 39.89
N THR B 136 7.14 6.97 40.51
CA THR B 136 6.38 6.25 41.51
C THR B 136 5.04 5.88 40.91
N LYS B 137 4.73 4.59 40.91
CA LYS B 137 3.45 4.10 40.39
C LYS B 137 2.31 4.45 41.34
N TYR B 138 1.16 4.78 40.77
CA TYR B 138 -0.04 5.12 41.54
C TYR B 138 -0.52 3.90 42.33
N GLU B 139 -0.82 4.14 43.62
CA GLU B 139 -1.27 3.10 44.55
C GLU B 139 -2.52 2.35 44.10
N ASN B 140 -3.42 3.07 43.42
CA ASN B 140 -4.69 2.50 42.98
C ASN B 140 -4.75 2.21 41.48
N ASN B 141 -3.60 1.89 40.89
CA ASN B 141 -3.53 1.33 39.55
C ASN B 141 -4.24 -0.04 39.54
N PRO B 142 -4.94 -0.38 38.45
CA PRO B 142 -5.07 0.35 37.19
C PRO B 142 -6.10 1.46 37.25
N VAL B 143 -5.91 2.52 36.45
CA VAL B 143 -6.91 3.58 36.35
C VAL B 143 -8.01 3.25 35.33
N ILE B 144 -7.72 2.34 34.40
CA ILE B 144 -8.74 1.79 33.49
C ILE B 144 -8.50 0.30 33.23
N ASP B 145 -9.54 -0.50 33.50
CA ASP B 145 -9.51 -1.93 33.25
C ASP B 145 -10.87 -2.35 32.69
N VAL B 146 -10.86 -2.83 31.45
CA VAL B 146 -12.09 -3.30 30.79
C VAL B 146 -12.07 -4.81 30.53
N SER B 147 -11.25 -5.52 31.30
CA SER B 147 -11.12 -6.98 31.23
C SER B 147 -10.70 -7.45 29.83
N SER B 148 -9.69 -6.80 29.28
CA SER B 148 -9.23 -7.08 27.92
C SER B 148 -7.73 -7.34 27.87
N ASN B 149 -7.33 -8.14 26.89
CA ASN B 149 -5.94 -8.45 26.60
C ASN B 149 -5.45 -7.66 25.38
N GLN B 150 -6.34 -6.82 24.85
CA GLN B 150 -6.08 -6.06 23.62
C GLN B 150 -6.59 -4.63 23.80
N PHE B 151 -5.85 -3.86 24.59
CA PHE B 151 -6.30 -2.56 25.08
C PHE B 151 -5.07 -1.77 25.52
N ARG B 152 -4.54 -0.93 24.63
CA ARG B 152 -3.21 -0.37 24.85
C ARG B 152 -2.90 0.93 24.13
N ASP B 153 -1.82 1.58 24.59
CA ASP B 153 -1.18 2.76 23.94
C ASP B 153 -1.94 4.08 24.19
N PRO B 154 -2.02 4.52 25.46
CA PRO B 154 -2.71 5.77 25.74
C PRO B 154 -1.90 7.03 25.40
N LYS B 155 -2.50 7.93 24.62
CA LYS B 155 -1.95 9.25 24.42
C LYS B 155 -2.90 10.22 25.09
N VAL B 156 -2.40 10.91 26.11
CA VAL B 156 -3.25 11.86 26.84
C VAL B 156 -2.78 13.30 26.74
N PHE B 157 -3.76 14.20 26.73
CA PHE B 157 -3.51 15.63 26.61
C PHE B 157 -4.57 16.43 27.32
N TRP B 158 -4.21 17.63 27.76
CA TRP B 158 -5.19 18.54 28.37
C TRP B 158 -5.95 19.24 27.26
N HIS B 159 -7.27 19.06 27.28
CA HIS B 159 -8.12 19.73 26.33
C HIS B 159 -8.71 20.97 26.97
N GLU B 160 -8.24 22.12 26.51
CA GLU B 160 -8.68 23.40 27.07
C GLU B 160 -10.18 23.61 26.98
N ASP B 161 -10.74 23.43 25.78
CA ASP B 161 -12.15 23.72 25.51
C ASP B 161 -13.15 23.01 26.44
N SER B 162 -12.90 21.74 26.74
CA SER B 162 -13.82 20.99 27.59
C SER B 162 -13.30 20.84 29.03
N ASN B 163 -12.26 21.60 29.35
CA ASN B 163 -11.64 21.62 30.68
C ASN B 163 -11.48 20.23 31.31
N GLN B 164 -10.72 19.37 30.65
CA GLN B 164 -10.45 18.01 31.12
C GLN B 164 -9.24 17.38 30.43
N TRP B 165 -8.79 16.27 30.99
CA TRP B 165 -7.79 15.41 30.36
C TRP B 165 -8.49 14.48 29.38
N ILE B 166 -7.86 14.29 28.22
CA ILE B 166 -8.38 13.38 27.20
C ILE B 166 -7.37 12.28 26.97
N MET B 167 -7.85 11.04 26.89
CA MET B 167 -7.00 9.93 26.50
C MET B 167 -7.54 9.28 25.23
N VAL B 168 -6.70 9.21 24.20
CA VAL B 168 -6.99 8.34 23.07
C VAL B 168 -6.23 7.02 23.25
N VAL B 169 -6.96 5.91 23.21
CA VAL B 169 -6.35 4.61 23.43
C VAL B 169 -6.98 3.62 22.46
N SER B 170 -6.20 2.62 22.04
CA SER B 170 -6.73 1.65 21.08
C SER B 170 -7.32 0.41 21.75
N LYS B 171 -8.50 0.03 21.30
CA LYS B 171 -9.04 -1.27 21.61
C LYS B 171 -8.68 -2.07 20.38
N SER B 172 -7.48 -2.63 20.42
CA SER B 172 -6.71 -3.02 19.23
C SER B 172 -7.45 -3.89 18.21
N GLN B 173 -7.99 -5.01 18.68
CA GLN B 173 -8.59 -5.97 17.76
C GLN B 173 -10.06 -5.73 17.49
N GLU B 174 -10.61 -4.68 18.12
CA GLU B 174 -11.97 -4.24 17.86
C GLU B 174 -11.98 -3.10 16.85
N TYR B 175 -10.79 -2.67 16.45
CA TYR B 175 -10.64 -1.56 15.51
C TYR B 175 -11.35 -0.30 16.00
N LYS B 176 -11.11 0.03 17.26
CA LYS B 176 -11.69 1.25 17.85
C LYS B 176 -10.60 2.06 18.51
N ILE B 177 -10.53 3.34 18.14
CA ILE B 177 -9.84 4.32 18.97
C ILE B 177 -10.87 4.82 19.97
N GLN B 178 -10.56 4.66 21.25
CA GLN B 178 -11.47 5.02 22.32
C GLN B 178 -11.06 6.33 22.98
N ILE B 179 -12.01 7.26 23.11
CA ILE B 179 -11.73 8.56 23.69
C ILE B 179 -12.36 8.66 25.08
N PHE B 180 -11.49 8.70 26.09
CA PHE B 180 -11.89 8.83 27.49
C PHE B 180 -11.68 10.26 27.98
N GLY B 181 -12.36 10.60 29.07
CA GLY B 181 -12.24 11.92 29.72
C GLY B 181 -12.02 11.80 31.21
N SER B 182 -11.26 12.76 31.76
CA SER B 182 -10.93 12.77 33.19
C SER B 182 -10.61 14.16 33.68
N ALA B 183 -11.06 14.48 34.88
CA ALA B 183 -10.64 15.70 35.56
C ALA B 183 -9.39 15.39 36.40
N ASN B 184 -9.04 14.11 36.43
CA ASN B 184 -8.25 13.54 37.50
C ASN B 184 -6.93 12.91 37.09
N LEU B 185 -6.89 12.38 35.86
CA LEU B 185 -5.91 11.39 35.42
C LEU B 185 -6.13 10.03 36.11
N LYS B 186 -7.06 10.00 37.06
CA LYS B 186 -7.35 8.83 37.87
C LYS B 186 -8.69 8.19 37.50
N ASN B 187 -9.73 9.01 37.42
CA ASN B 187 -11.07 8.53 37.11
C ASN B 187 -11.47 8.90 35.69
N TRP B 188 -11.65 7.87 34.87
CA TRP B 188 -11.87 8.02 33.43
C TRP B 188 -13.26 7.61 33.00
N VAL B 189 -13.83 8.38 32.08
CA VAL B 189 -15.14 8.14 31.50
C VAL B 189 -15.00 8.01 29.98
N LEU B 190 -15.49 6.89 29.44
CA LEU B 190 -15.46 6.63 28.00
C LEU B 190 -16.49 7.49 27.28
N ASN B 191 -16.03 8.42 26.45
CA ASN B 191 -16.95 9.32 25.76
C ASN B 191 -17.38 8.85 24.36
N SER B 192 -16.44 8.30 23.59
CA SER B 192 -16.75 7.90 22.21
C SER B 192 -15.77 6.87 21.63
N ASN B 193 -16.18 6.29 20.50
CA ASN B 193 -15.34 5.37 19.73
C ASN B 193 -15.18 5.89 18.31
N PHE B 194 -13.98 5.72 17.77
CA PHE B 194 -13.73 6.07 16.38
C PHE B 194 -13.13 4.89 15.61
N SER B 195 -13.75 4.59 14.46
CA SER B 195 -13.35 3.48 13.59
C SER B 195 -13.39 3.95 12.13
N SER B 196 -12.24 3.88 11.46
CA SER B 196 -12.12 4.33 10.08
C SER B 196 -10.78 3.92 9.44
N GLY B 197 -10.64 4.23 8.16
CA GLY B 197 -9.37 4.08 7.45
C GLY B 197 -8.99 2.67 7.07
N TYR B 198 -7.69 2.40 7.05
CA TYR B 198 -7.16 1.07 6.78
C TYR B 198 -7.05 0.28 8.07
N TYR B 199 -7.81 -0.81 8.19
CA TYR B 199 -7.87 -1.57 9.43
C TYR B 199 -6.65 -2.43 9.66
N GLY B 200 -6.22 -3.13 8.61
CA GLY B 200 -5.23 -4.20 8.76
C GLY B 200 -5.65 -5.17 9.86
N ASN B 201 -4.66 -5.62 10.64
CA ASN B 201 -4.90 -6.61 11.68
C ASN B 201 -5.38 -6.01 13.01
N GLN B 202 -4.81 -4.85 13.36
CA GLN B 202 -4.96 -4.25 14.70
C GLN B 202 -4.76 -2.74 14.67
N TYR B 203 -5.46 -2.06 15.58
CA TYR B 203 -5.22 -0.64 15.86
C TYR B 203 -4.16 -0.53 16.95
N GLU B 204 -3.19 0.37 16.77
CA GLU B 204 -2.19 0.64 17.82
C GLU B 204 -1.85 2.13 17.91
N CYS B 205 -1.11 2.52 18.95
CA CYS B 205 -0.65 3.91 19.17
C CYS B 205 -1.47 5.03 18.52
N PRO B 206 -2.69 5.28 19.02
CA PRO B 206 -3.42 6.42 18.50
C PRO B 206 -2.89 7.77 19.01
N GLY B 207 -3.17 8.83 18.27
CA GLY B 207 -2.82 10.18 18.68
C GLY B 207 -3.89 11.16 18.23
N LEU B 208 -4.04 12.25 18.98
CA LEU B 208 -5.04 13.27 18.67
C LEU B 208 -4.53 14.63 19.11
N ILE B 209 -4.35 15.53 18.13
CA ILE B 209 -3.71 16.81 18.39
C ILE B 209 -4.17 17.88 17.40
N GLU B 210 -4.18 19.12 17.86
CA GLU B 210 -4.55 20.26 17.03
C GLU B 210 -3.35 20.72 16.22
N VAL B 211 -3.50 20.71 14.89
CA VAL B 211 -2.39 20.99 13.98
C VAL B 211 -2.65 22.27 13.21
N PRO B 212 -1.67 23.20 13.19
CA PRO B 212 -1.88 24.48 12.50
C PRO B 212 -1.92 24.35 10.98
N ILE B 213 -2.81 25.13 10.36
CA ILE B 213 -2.86 25.30 8.91
C ILE B 213 -1.90 26.43 8.55
N GLU B 214 -1.02 26.19 7.58
CA GLU B 214 -0.03 27.18 7.17
C GLU B 214 -0.66 28.48 6.66
N ASN B 215 0.03 29.59 6.88
CA ASN B 215 -0.39 30.93 6.42
C ASN B 215 -1.78 31.36 6.90
N SER B 216 -2.15 30.95 8.11
CA SER B 216 -3.46 31.29 8.64
C SER B 216 -3.50 31.15 10.16
N ASP B 217 -4.62 31.59 10.74
CA ASP B 217 -4.84 31.48 12.19
C ASP B 217 -5.63 30.23 12.53
N LYS B 218 -5.97 29.45 11.50
CA LYS B 218 -6.83 28.28 11.65
C LYS B 218 -6.04 26.98 11.88
N SER B 219 -6.74 25.97 12.37
CA SER B 219 -6.15 24.68 12.65
C SER B 219 -7.19 23.59 12.46
N LYS B 220 -6.74 22.34 12.44
CA LYS B 220 -7.63 21.17 12.46
C LYS B 220 -7.14 20.19 13.50
N TRP B 221 -8.05 19.34 13.97
CA TRP B 221 -7.67 18.23 14.80
C TRP B 221 -7.27 17.09 13.89
N VAL B 222 -6.18 16.42 14.24
CA VAL B 222 -5.67 15.32 13.46
C VAL B 222 -5.56 14.09 14.36
N MET B 223 -6.24 13.03 13.95
CA MET B 223 -6.15 11.75 14.61
C MET B 223 -5.10 10.89 13.90
N PHE B 224 -4.12 10.43 14.67
CA PHE B 224 -3.10 9.51 14.17
C PHE B 224 -3.41 8.09 14.61
N LEU B 225 -3.01 7.12 13.79
CA LEU B 225 -3.31 5.72 14.06
C LEU B 225 -2.26 4.83 13.43
N ALA B 226 -1.69 3.96 14.26
CA ALA B 226 -0.72 2.98 13.79
C ALA B 226 -1.48 1.67 13.57
N ILE B 227 -1.11 0.95 12.51
CA ILE B 227 -1.63 -0.41 12.30
C ILE B 227 -0.50 -1.40 12.00
N ASN B 228 -0.61 -2.60 12.58
CA ASN B 228 0.35 -3.67 12.36
C ASN B 228 -0.20 -5.00 12.85
N PRO B 229 -0.01 -6.07 12.06
CA PRO B 229 0.46 -6.07 10.68
C PRO B 229 -0.69 -5.71 9.73
N GLY B 230 -0.51 -5.95 8.43
CA GLY B 230 -1.56 -5.70 7.45
C GLY B 230 -1.54 -4.33 6.81
N SER B 231 -0.41 -3.63 6.91
CA SER B 231 -0.18 -2.42 6.11
C SER B 231 -0.25 -2.81 4.63
N PRO B 232 -0.85 -1.94 3.78
CA PRO B 232 -0.84 -2.29 2.36
C PRO B 232 0.56 -2.31 1.76
N LEU B 233 1.54 -1.77 2.49
CA LEU B 233 2.94 -1.83 2.06
C LEU B 233 3.64 -3.03 2.68
N GLY B 234 2.93 -3.76 3.53
CA GLY B 234 3.48 -4.92 4.22
C GLY B 234 3.95 -4.52 5.60
N GLY B 235 3.41 -5.21 6.60
CA GLY B 235 3.78 -4.96 8.00
C GLY B 235 3.09 -3.79 8.65
N SER B 236 3.89 -2.83 9.11
CA SER B 236 3.44 -1.73 9.96
C SER B 236 3.48 -0.37 9.25
N ILE B 237 2.53 0.49 9.62
CA ILE B 237 2.41 1.81 9.02
C ILE B 237 1.56 2.74 9.89
N ASN B 238 1.77 4.04 9.70
CA ASN B 238 0.95 5.07 10.33
C ASN B 238 0.02 5.77 9.34
N GLN B 239 -1.18 6.05 9.80
CA GLN B 239 -2.15 6.76 8.99
C GLN B 239 -2.73 7.90 9.81
N TYR B 240 -3.46 8.79 9.15
CA TYR B 240 -4.06 9.95 9.80
C TYR B 240 -5.42 10.35 9.25
N PHE B 241 -6.16 11.12 10.05
CA PHE B 241 -7.47 11.63 9.69
C PHE B 241 -7.55 13.10 10.12
N VAL B 242 -8.19 13.92 9.30
CA VAL B 242 -8.28 15.35 9.56
C VAL B 242 -9.73 15.71 9.84
N GLY B 243 -9.95 16.44 10.94
CA GLY B 243 -11.31 16.86 11.28
C GLY B 243 -11.38 17.79 12.47
N ASP B 244 -12.38 17.56 13.31
CA ASP B 244 -12.65 18.46 14.42
C ASP B 244 -12.93 17.63 15.66
N PHE B 245 -12.71 18.25 16.81
CA PHE B 245 -12.84 17.60 18.09
C PHE B 245 -13.46 18.57 19.09
N ASP B 246 -14.40 18.08 19.88
CA ASP B 246 -15.16 18.91 20.82
C ASP B 246 -14.82 18.56 22.28
N GLY B 247 -13.91 17.61 22.46
CA GLY B 247 -13.61 17.07 23.78
C GLY B 247 -14.28 15.73 24.04
N PHE B 248 -15.18 15.34 23.15
CA PHE B 248 -15.96 14.12 23.34
C PHE B 248 -15.90 13.15 22.17
N GLN B 249 -16.08 13.65 20.96
CA GLN B 249 -15.94 12.84 19.75
C GLN B 249 -15.11 13.55 18.68
N PHE B 250 -14.36 12.75 17.92
CA PHE B 250 -13.62 13.26 16.78
C PHE B 250 -14.49 13.07 15.53
N VAL B 251 -14.67 14.14 14.77
CA VAL B 251 -15.44 14.09 13.54
C VAL B 251 -14.55 14.46 12.35
N PRO B 252 -14.20 13.45 11.52
CA PRO B 252 -13.36 13.72 10.36
C PRO B 252 -14.09 14.55 9.32
N ASP B 253 -13.33 15.33 8.56
CA ASP B 253 -13.88 16.18 7.50
C ASP B 253 -14.31 15.36 6.29
N ASP B 254 -13.72 14.18 6.14
CA ASP B 254 -14.05 13.26 5.06
C ASP B 254 -13.85 11.85 5.56
N SER B 255 -14.01 10.86 4.69
CA SER B 255 -13.79 9.47 5.07
C SER B 255 -12.64 8.83 4.27
N GLN B 256 -11.66 9.63 3.87
CA GLN B 256 -10.51 9.14 3.12
C GLN B 256 -9.40 8.59 4.02
N THR B 257 -8.62 7.66 3.48
CA THR B 257 -7.48 7.04 4.14
C THR B 257 -6.20 7.65 3.60
N ARG B 258 -5.32 8.11 4.50
CA ARG B 258 -4.01 8.62 4.11
C ARG B 258 -2.95 8.18 5.12
N PHE B 259 -1.75 7.86 4.62
CA PHE B 259 -0.66 7.42 5.46
C PHE B 259 0.28 8.56 5.81
N VAL B 260 0.85 8.53 7.01
CA VAL B 260 1.70 9.62 7.50
C VAL B 260 3.02 9.66 6.73
N ASP B 261 3.56 8.47 6.43
CA ASP B 261 4.85 8.29 5.77
C ASP B 261 4.71 7.05 4.90
N ILE B 262 5.10 7.15 3.63
CA ILE B 262 4.92 6.00 2.73
C ILE B 262 6.20 5.20 2.48
N GLY B 263 7.12 5.29 3.44
CA GLY B 263 8.25 4.37 3.50
C GLY B 263 7.85 3.14 4.30
N LYS B 264 8.73 2.15 4.33
CA LYS B 264 8.44 0.91 5.03
C LYS B 264 8.63 1.05 6.56
N ASP B 265 9.41 2.05 6.97
CA ASP B 265 10.01 2.09 8.31
C ASP B 265 9.67 3.35 9.10
N PHE B 266 8.38 3.59 9.34
CA PHE B 266 7.93 4.73 10.13
C PHE B 266 6.69 4.30 10.88
N TYR B 267 6.88 3.92 12.14
CA TYR B 267 5.79 3.32 12.91
C TYR B 267 5.72 3.81 14.35
N ALA B 268 4.50 3.79 14.90
CA ALA B 268 4.23 4.11 16.30
C ALA B 268 4.60 5.56 16.60
N PHE B 269 4.19 6.43 15.69
CA PHE B 269 4.40 7.85 15.77
C PHE B 269 3.73 8.42 17.02
N GLN B 270 4.43 9.34 17.68
CA GLN B 270 3.89 10.09 18.81
C GLN B 270 4.35 11.54 18.73
N THR B 271 3.49 12.46 19.18
CA THR B 271 3.84 13.87 19.29
C THR B 271 4.42 14.18 20.68
N PHE B 272 5.29 15.19 20.75
CA PHE B 272 5.78 15.73 22.03
C PHE B 272 4.72 16.56 22.73
N SER B 273 4.61 16.37 24.04
CA SER B 273 3.75 17.21 24.88
C SER B 273 4.51 18.48 25.24
N GLU B 274 3.76 19.55 25.51
CA GLU B 274 4.30 20.82 26.03
C GLU B 274 5.14 21.59 25.00
N VAL B 275 4.84 21.38 23.72
CA VAL B 275 5.46 22.14 22.66
C VAL B 275 4.70 23.45 22.47
N GLU B 276 5.41 24.56 22.63
CA GLU B 276 4.83 25.84 22.23
C GLU B 276 5.27 26.05 20.79
N HIS B 277 4.36 26.57 19.97
CA HIS B 277 4.63 26.81 18.55
C HIS B 277 4.61 25.51 17.74
N GLY B 278 3.41 25.08 17.38
CA GLY B 278 3.24 23.98 16.43
C GLY B 278 3.19 22.59 17.04
N VAL B 279 3.49 21.61 16.20
CA VAL B 279 3.38 20.20 16.55
C VAL B 279 4.65 19.50 16.11
N LEU B 280 5.30 18.83 17.06
CA LEU B 280 6.51 18.06 16.82
C LEU B 280 6.27 16.62 17.21
N GLY B 281 6.86 15.69 16.46
CA GLY B 281 6.73 14.29 16.80
C GLY B 281 7.79 13.47 16.12
N LEU B 282 7.86 12.19 16.49
CA LEU B 282 8.77 11.25 15.85
C LEU B 282 8.21 9.82 15.93
N ALA B 283 8.84 8.91 15.20
CA ALA B 283 8.39 7.52 15.20
C ALA B 283 9.55 6.54 15.38
N TRP B 284 9.20 5.27 15.57
CA TRP B 284 10.16 4.18 15.54
C TRP B 284 10.47 3.86 14.08
N ALA B 285 11.76 3.94 13.72
CA ALA B 285 12.17 3.85 12.32
C ALA B 285 12.49 2.43 11.87
N SER B 286 11.50 1.56 11.96
CA SER B 286 11.60 0.20 11.43
C SER B 286 10.23 -0.36 11.14
N ASN B 287 10.19 -1.63 10.78
CA ASN B 287 8.96 -2.33 10.41
C ASN B 287 8.93 -3.67 11.14
N TRP B 288 7.82 -3.98 11.78
CA TRP B 288 7.72 -5.23 12.54
C TRP B 288 8.03 -6.53 11.76
N GLN B 289 7.94 -6.48 10.43
CA GLN B 289 8.26 -7.65 9.60
C GLN B 289 9.69 -8.14 9.77
N TYR B 290 10.63 -7.22 9.91
CA TYR B 290 12.03 -7.61 9.94
C TYR B 290 12.86 -6.85 10.98
N ALA B 291 12.22 -6.00 11.77
CA ALA B 291 12.92 -5.13 12.73
C ALA B 291 13.93 -5.85 13.60
N ASP B 292 13.57 -7.04 14.09
CA ASP B 292 14.46 -7.77 15.01
C ASP B 292 15.48 -8.67 14.31
N GLN B 293 15.61 -8.51 12.99
CA GLN B 293 16.51 -9.34 12.19
C GLN B 293 17.62 -8.57 11.49
N VAL B 294 17.52 -7.25 11.50
CA VAL B 294 18.47 -6.39 10.75
C VAL B 294 19.89 -6.47 11.31
N PRO B 295 20.92 -6.36 10.44
CA PRO B 295 22.29 -6.64 10.88
C PRO B 295 22.98 -5.49 11.64
N THR B 296 22.38 -5.07 12.75
CA THR B 296 23.03 -4.17 13.70
C THR B 296 23.28 -4.89 15.04
N ASN B 297 24.36 -4.49 15.70
CA ASN B 297 24.75 -5.04 17.00
C ASN B 297 25.70 -4.04 17.63
N PRO B 298 25.64 -3.85 18.96
CA PRO B 298 24.84 -4.55 19.97
C PRO B 298 23.45 -3.94 20.24
N TRP B 299 22.91 -3.23 19.27
CA TRP B 299 21.59 -2.62 19.43
C TRP B 299 20.72 -2.94 18.19
N ARG B 300 19.41 -2.79 18.32
CA ARG B 300 18.55 -2.71 17.14
C ARG B 300 17.57 -1.56 17.27
N SER B 301 17.40 -0.82 16.17
CA SER B 301 16.41 0.25 16.02
C SER B 301 16.91 1.66 16.31
N SER B 302 16.49 2.60 15.48
CA SER B 302 16.58 4.02 15.82
C SER B 302 15.17 4.62 15.74
N THR B 303 15.05 5.84 16.27
CA THR B 303 13.87 6.66 16.00
C THR B 303 14.08 7.36 14.64
N SER B 304 13.01 7.95 14.10
CA SER B 304 13.16 8.89 13.00
C SER B 304 13.71 10.19 13.60
N LEU B 305 14.10 11.13 12.73
CA LEU B 305 14.31 12.50 13.17
C LEU B 305 13.00 13.05 13.72
N ALA B 306 13.08 14.06 14.60
CA ALA B 306 11.89 14.81 15.02
C ALA B 306 11.38 15.58 13.81
N ARG B 307 10.07 15.65 13.65
CA ARG B 307 9.48 16.36 12.51
C ARG B 307 8.46 17.38 12.95
N ASN B 308 8.34 18.44 12.16
CA ASN B 308 7.44 19.55 12.43
C ASN B 308 6.22 19.42 11.53
N TYR B 309 5.04 19.39 12.15
CA TYR B 309 3.80 19.04 11.46
C TYR B 309 2.87 20.22 11.23
N THR B 310 2.51 20.42 9.97
CA THR B 310 1.58 21.46 9.56
C THR B 310 0.55 20.89 8.59
N LEU B 311 -0.44 21.70 8.24
CA LEU B 311 -1.41 21.34 7.21
C LEU B 311 -1.34 22.38 6.11
N ARG B 312 -1.36 21.92 4.87
CA ARG B 312 -1.30 22.80 3.72
C ARG B 312 -2.28 22.31 2.66
N TYR B 313 -2.90 23.25 1.94
CA TYR B 313 -3.69 22.88 0.77
C TYR B 313 -2.74 22.58 -0.38
N VAL B 314 -2.71 21.33 -0.82
CA VAL B 314 -1.85 20.95 -1.93
C VAL B 314 -2.66 20.25 -3.03
N HIS B 315 -2.22 20.40 -4.26
CA HIS B 315 -2.80 19.69 -5.39
C HIS B 315 -2.47 18.20 -5.32
N THR B 316 -3.50 17.37 -5.21
CA THR B 316 -3.35 15.91 -5.31
C THR B 316 -3.61 15.46 -6.75
N ASN B 317 -4.29 16.32 -7.51
CA ASN B 317 -4.30 16.25 -8.97
C ASN B 317 -4.32 17.68 -9.55
N ALA B 318 -4.36 17.81 -10.87
CA ALA B 318 -4.26 19.14 -11.49
C ALA B 318 -5.46 20.04 -11.17
N GLU B 319 -6.60 19.43 -10.89
CA GLU B 319 -7.83 20.16 -10.62
C GLU B 319 -8.06 20.51 -9.15
N THR B 320 -7.69 19.58 -8.27
CA THR B 320 -8.19 19.58 -6.90
C THR B 320 -7.09 19.68 -5.85
N LYS B 321 -7.29 20.58 -4.89
CA LYS B 321 -6.46 20.67 -3.68
C LYS B 321 -7.13 19.93 -2.53
N GLN B 322 -6.30 19.34 -1.67
CA GLN B 322 -6.73 18.69 -0.45
C GLN B 322 -5.91 19.27 0.70
N LEU B 323 -6.56 19.53 1.83
CA LEU B 323 -5.84 19.92 3.05
C LEU B 323 -5.05 18.69 3.50
N THR B 324 -3.72 18.81 3.50
CA THR B 324 -2.82 17.64 3.56
C THR B 324 -1.76 17.84 4.65
N LEU B 325 -1.43 16.76 5.37
CA LEU B 325 -0.42 16.80 6.43
C LEU B 325 0.97 16.96 5.84
N ILE B 326 1.68 17.99 6.29
CA ILE B 326 3.01 18.32 5.81
C ILE B 326 3.97 18.07 6.97
N GLN B 327 5.14 17.54 6.67
CA GLN B 327 6.17 17.35 7.70
C GLN B 327 7.55 17.62 7.17
N ASN B 328 8.36 18.27 8.00
CA ASN B 328 9.73 18.58 7.64
C ASN B 328 10.63 18.32 8.85
N PRO B 329 11.88 17.89 8.60
CA PRO B 329 12.71 17.46 9.72
C PRO B 329 13.19 18.64 10.55
N VAL B 330 13.38 18.41 11.85
CA VAL B 330 13.94 19.41 12.74
C VAL B 330 15.46 19.24 12.72
N LEU B 331 16.15 20.21 12.16
CA LEU B 331 17.62 20.19 12.10
C LEU B 331 18.19 21.51 12.61
N PRO B 332 18.60 21.55 13.89
CA PRO B 332 19.11 22.78 14.50
C PRO B 332 20.51 23.19 13.98
N ASP B 333 20.98 24.36 14.39
CA ASP B 333 22.30 24.87 14.03
C ASP B 333 23.45 24.09 14.70
N SER B 334 23.11 23.25 15.67
CA SER B 334 24.10 22.42 16.38
C SER B 334 24.69 21.33 15.48
N ILE B 335 24.04 21.09 14.34
CA ILE B 335 24.57 20.17 13.35
C ILE B 335 25.66 20.87 12.56
N ASN B 336 26.84 20.25 12.53
CA ASN B 336 28.00 20.81 11.86
C ASN B 336 28.00 20.44 10.38
N VAL B 337 28.41 21.38 9.54
CA VAL B 337 28.61 21.09 8.13
C VAL B 337 30.10 20.85 7.91
N VAL B 338 30.46 19.62 7.57
CA VAL B 338 31.84 19.25 7.32
C VAL B 338 32.28 19.79 5.97
N ASP B 339 31.48 19.52 4.94
CA ASP B 339 31.77 19.98 3.59
C ASP B 339 30.46 20.10 2.79
N LYS B 340 30.51 20.81 1.67
CA LYS B 340 29.33 20.92 0.81
C LYS B 340 29.63 21.17 -0.66
N LEU B 341 28.70 20.72 -1.49
CA LEU B 341 28.71 20.98 -2.92
C LEU B 341 27.46 21.79 -3.25
N LYS B 342 27.64 22.84 -4.04
CA LYS B 342 26.55 23.71 -4.42
C LYS B 342 26.55 23.89 -5.93
N LYS B 343 25.37 23.72 -6.54
CA LYS B 343 25.20 23.99 -7.97
C LYS B 343 23.87 24.68 -8.26
N LYS B 344 23.83 25.32 -9.42
CA LYS B 344 22.83 26.30 -9.76
C LYS B 344 22.48 26.16 -11.23
N ASN B 345 21.18 26.08 -11.54
CA ASN B 345 20.67 26.05 -12.92
C ASN B 345 21.43 25.11 -13.85
N VAL B 346 21.59 23.87 -13.42
CA VAL B 346 22.33 22.89 -14.22
C VAL B 346 21.40 22.06 -15.12
N LYS B 347 21.69 22.09 -16.42
CA LYS B 347 20.99 21.26 -17.39
C LYS B 347 21.63 19.88 -17.46
N LEU B 348 21.06 18.94 -16.70
CA LEU B 348 21.59 17.57 -16.55
C LEU B 348 21.57 16.78 -17.84
N THR B 349 22.72 16.17 -18.16
CA THR B 349 22.85 15.22 -19.26
C THR B 349 23.78 14.09 -18.80
N ASN B 350 23.88 13.05 -19.61
CA ASN B 350 24.80 11.93 -19.37
C ASN B 350 26.28 12.31 -19.31
N LYS B 351 26.65 13.43 -19.94
CA LYS B 351 28.03 13.92 -19.90
C LYS B 351 28.22 15.04 -18.88
N LYS B 352 27.25 15.21 -18.00
CA LYS B 352 27.29 16.25 -16.99
C LYS B 352 26.82 15.77 -15.60
N PRO B 353 27.40 14.66 -15.10
CA PRO B 353 26.94 14.22 -13.77
C PRO B 353 27.41 15.15 -12.66
N ILE B 354 26.64 15.24 -11.58
CA ILE B 354 27.06 15.90 -10.36
C ILE B 354 27.73 14.84 -9.50
N LYS B 355 28.95 15.12 -9.02
CA LYS B 355 29.67 14.16 -8.19
C LYS B 355 30.35 14.84 -7.01
N THR B 356 29.96 14.39 -5.83
CA THR B 356 30.55 14.81 -4.57
C THR B 356 31.99 14.28 -4.46
N ASN B 357 32.90 15.12 -3.97
CA ASN B 357 34.28 14.66 -3.76
C ASN B 357 34.85 15.22 -2.47
N PHE B 358 34.30 14.76 -1.35
CA PHE B 358 34.72 15.23 -0.03
C PHE B 358 35.92 14.42 0.45
N LYS B 359 36.63 14.93 1.45
CA LYS B 359 37.91 14.35 1.89
C LYS B 359 37.74 12.98 2.55
N GLY B 360 36.87 12.91 3.54
CA GLY B 360 36.51 11.63 4.17
C GLY B 360 35.01 11.51 4.19
N SER B 361 34.49 10.75 5.16
CA SER B 361 33.05 10.65 5.34
C SER B 361 32.68 10.28 6.76
N THR B 362 31.71 10.99 7.33
CA THR B 362 31.15 10.54 8.60
C THR B 362 29.86 9.71 8.40
N GLY B 363 29.45 9.54 7.13
CA GLY B 363 28.29 8.70 6.80
C GLY B 363 26.96 9.39 6.97
N LEU B 364 27.00 10.68 7.28
CA LEU B 364 25.82 11.52 7.42
C LEU B 364 25.81 12.64 6.37
N PHE B 365 24.83 12.59 5.47
CA PHE B 365 24.70 13.54 4.38
C PHE B 365 23.26 14.01 4.23
N ASP B 366 23.08 15.22 3.72
CA ASP B 366 21.78 15.62 3.18
C ASP B 366 21.92 16.19 1.78
N PHE B 367 20.83 16.18 1.03
CA PHE B 367 20.77 16.79 -0.30
C PHE B 367 19.44 17.51 -0.46
N ASN B 368 19.48 18.66 -1.11
CA ASN B 368 18.33 19.52 -1.25
C ASN B 368 18.31 19.98 -2.69
N ILE B 369 17.33 19.51 -3.45
CA ILE B 369 17.25 19.78 -4.88
C ILE B 369 15.90 20.34 -5.29
N THR B 370 15.94 21.46 -6.00
CA THR B 370 14.78 21.96 -6.76
C THR B 370 15.07 21.79 -8.25
N PHE B 371 14.13 21.16 -8.97
CA PHE B 371 14.36 20.84 -10.37
C PHE B 371 13.13 21.14 -11.22
N LYS B 372 13.36 21.35 -12.51
CA LYS B 372 12.31 21.58 -13.48
C LYS B 372 12.36 20.51 -14.57
N VAL B 373 11.19 20.06 -15.01
CA VAL B 373 11.13 19.12 -16.12
C VAL B 373 10.97 19.89 -17.41
N LEU B 374 11.94 19.76 -18.30
CA LEU B 374 11.95 20.50 -19.56
C LEU B 374 11.08 19.80 -20.59
N ASN B 375 10.71 20.52 -21.64
CA ASN B 375 9.99 19.92 -22.76
C ASN B 375 10.94 19.28 -23.76
N LEU B 376 11.24 18.01 -23.49
CA LEU B 376 12.12 17.22 -24.33
C LEU B 376 11.56 15.82 -24.43
N ASN B 377 11.43 15.34 -25.66
CA ASN B 377 11.00 13.98 -25.93
C ASN B 377 12.20 13.06 -25.93
N VAL B 378 12.17 12.10 -25.02
CA VAL B 378 13.28 11.20 -24.76
C VAL B 378 12.73 9.77 -24.79
N SER B 379 13.57 8.78 -25.10
CA SER B 379 13.10 7.39 -25.17
C SER B 379 12.65 6.90 -23.78
N PRO B 380 11.66 5.98 -23.73
CA PRO B 380 10.94 5.72 -22.47
C PRO B 380 11.82 5.25 -21.30
N GLY B 381 12.94 4.59 -21.63
CA GLY B 381 13.87 4.15 -20.61
C GLY B 381 14.72 5.24 -19.98
N LYS B 382 14.58 6.48 -20.47
CA LYS B 382 15.47 7.57 -20.06
C LYS B 382 14.75 8.77 -19.43
N THR B 383 13.44 8.65 -19.18
CA THR B 383 12.67 9.75 -18.60
C THR B 383 12.87 9.89 -17.08
N HIS B 384 14.12 9.82 -16.63
CA HIS B 384 14.44 9.86 -15.20
C HIS B 384 15.84 10.38 -14.91
N PHE B 385 16.05 10.82 -13.67
CA PHE B 385 17.39 11.06 -13.15
C PHE B 385 17.51 10.42 -11.77
N ASP B 386 18.74 10.17 -11.34
CA ASP B 386 18.98 9.37 -10.15
C ASP B 386 20.03 9.97 -9.23
N ILE B 387 19.73 9.94 -7.95
CA ILE B 387 20.66 10.30 -6.91
C ILE B 387 21.22 9.00 -6.35
N LEU B 388 22.53 8.81 -6.50
CA LEU B 388 23.20 7.60 -6.03
C LEU B 388 23.95 7.88 -4.74
N ILE B 389 23.65 7.09 -3.72
CA ILE B 389 24.37 7.17 -2.47
C ILE B 389 25.33 6.00 -2.41
N ASN B 390 26.62 6.29 -2.56
CA ASN B 390 27.64 5.24 -2.67
C ASN B 390 28.46 5.10 -1.40
N SER B 391 28.78 3.86 -1.05
CA SER B 391 29.74 3.61 0.02
C SER B 391 31.15 3.87 -0.50
N GLN B 392 32.13 3.74 0.38
CA GLN B 392 33.52 3.67 -0.03
C GLN B 392 33.74 2.32 -0.71
N GLU B 393 34.74 2.24 -1.59
CA GLU B 393 35.15 0.94 -2.10
C GLU B 393 35.95 0.25 -1.01
N LEU B 394 35.44 -0.87 -0.51
CA LEU B 394 36.17 -1.72 0.42
C LEU B 394 36.90 -2.82 -0.35
N ASN B 395 36.53 -4.07 -0.10
CA ASN B 395 37.15 -5.21 -0.79
C ASN B 395 36.72 -5.27 -2.25
N SER B 396 37.22 -4.30 -3.03
CA SER B 396 36.89 -4.08 -4.43
C SER B 396 35.38 -3.99 -4.76
N SER B 397 34.57 -3.53 -3.81
CA SER B 397 33.13 -3.38 -4.07
C SER B 397 32.54 -2.10 -3.48
N VAL B 398 31.61 -1.51 -4.22
CA VAL B 398 30.89 -0.31 -3.80
C VAL B 398 29.40 -0.66 -3.69
N ASP B 399 28.84 -0.43 -2.50
CA ASP B 399 27.41 -0.58 -2.28
C ASP B 399 26.73 0.77 -2.48
N SER B 400 25.52 0.72 -3.04
CA SER B 400 24.77 1.94 -3.26
C SER B 400 23.27 1.75 -3.05
N ILE B 401 22.60 2.84 -2.68
CA ILE B 401 21.15 2.90 -2.78
C ILE B 401 20.82 4.07 -3.70
N LYS B 402 19.66 4.00 -4.34
CA LYS B 402 19.31 4.94 -5.39
C LYS B 402 18.00 5.63 -5.06
N ILE B 403 17.98 6.96 -5.21
CA ILE B 403 16.74 7.75 -5.14
C ILE B 403 16.55 8.50 -6.46
N GLY B 404 15.39 8.35 -7.08
CA GLY B 404 15.19 8.96 -8.38
C GLY B 404 13.83 9.58 -8.61
N PHE B 405 13.67 10.15 -9.80
CA PHE B 405 12.41 10.73 -10.23
C PHE B 405 12.20 10.39 -11.70
N ASP B 406 10.98 9.98 -12.05
CA ASP B 406 10.64 9.71 -13.44
C ASP B 406 9.61 10.73 -13.88
N SER B 407 9.95 11.50 -14.91
CA SER B 407 9.05 12.56 -15.41
C SER B 407 7.77 12.05 -16.10
N SER B 408 7.82 10.89 -16.73
CA SER B 408 6.61 10.30 -17.35
C SER B 408 5.56 9.86 -16.32
N GLN B 409 6.03 9.48 -15.13
CA GLN B 409 5.17 9.01 -14.03
C GLN B 409 4.93 10.06 -12.94
N SER B 410 5.64 11.19 -13.03
CA SER B 410 5.56 12.26 -12.03
C SER B 410 5.71 11.68 -10.61
N SER B 411 6.64 10.73 -10.47
CA SER B 411 6.82 9.97 -9.24
C SER B 411 8.28 9.83 -8.86
N PHE B 412 8.56 10.04 -7.58
CA PHE B 412 9.87 9.71 -7.04
C PHE B 412 9.91 8.22 -6.77
N TYR B 413 11.12 7.69 -6.64
CA TYR B 413 11.30 6.30 -6.24
C TYR B 413 12.59 6.11 -5.44
N ILE B 414 12.59 5.07 -4.61
CA ILE B 414 13.83 4.61 -3.99
C ILE B 414 14.06 3.17 -4.43
N ASP B 415 15.33 2.79 -4.55
CA ASP B 415 15.69 1.39 -4.64
C ASP B 415 16.80 1.15 -3.62
N ARG B 416 16.42 0.52 -2.51
CA ARG B 416 17.34 0.22 -1.41
C ARG B 416 17.96 -1.18 -1.49
N HIS B 417 17.83 -1.84 -2.64
CA HIS B 417 18.48 -3.15 -2.85
C HIS B 417 20.00 -3.04 -2.75
N ILE B 418 20.58 -3.89 -1.93
CA ILE B 418 22.02 -4.01 -1.81
C ILE B 418 22.32 -5.49 -1.93
N PRO B 419 23.06 -5.89 -2.99
CA PRO B 419 23.27 -7.31 -3.20
C PRO B 419 24.16 -7.90 -2.12
N ASN B 420 24.01 -9.20 -1.89
CA ASN B 420 24.93 -9.97 -1.06
C ASN B 420 24.66 -9.94 0.44
N VAL B 421 23.92 -8.93 0.89
CA VAL B 421 23.58 -8.79 2.29
C VAL B 421 22.29 -9.53 2.59
N GLU B 422 22.40 -10.57 3.42
CA GLU B 422 21.24 -11.37 3.78
C GLU B 422 20.96 -11.34 5.27
N PHE B 423 19.68 -11.33 5.61
CA PHE B 423 19.23 -11.54 6.98
C PHE B 423 17.85 -12.20 6.94
N PRO B 424 17.48 -12.89 8.04
CA PRO B 424 16.17 -13.52 8.10
C PRO B 424 15.02 -12.54 7.82
N ARG B 425 13.99 -13.05 7.16
CA ARG B 425 12.77 -12.29 6.83
C ARG B 425 12.98 -11.14 5.83
N LYS B 426 14.05 -11.23 5.03
CA LYS B 426 14.29 -10.23 4.00
C LYS B 426 13.34 -10.37 2.81
N GLN B 427 12.52 -11.43 2.81
CA GLN B 427 11.43 -11.59 1.84
C GLN B 427 10.44 -10.45 1.99
N PHE B 428 10.40 -9.86 3.18
CA PHE B 428 9.46 -8.78 3.50
C PHE B 428 10.12 -7.40 3.39
N PHE B 429 11.43 -7.39 3.18
CA PHE B 429 12.19 -6.16 3.08
C PHE B 429 12.06 -5.63 1.65
N THR B 430 10.96 -4.91 1.40
CA THR B 430 10.67 -4.36 0.09
C THR B 430 11.78 -3.40 -0.35
N ASP B 431 12.26 -3.55 -1.58
CA ASP B 431 13.39 -2.74 -2.05
C ASP B 431 12.95 -1.50 -2.83
N LYS B 432 11.87 -1.62 -3.60
CA LYS B 432 11.43 -0.53 -4.48
C LYS B 432 10.14 0.08 -3.98
N LEU B 433 10.14 1.40 -3.81
CA LEU B 433 8.96 2.12 -3.34
C LEU B 433 8.86 3.41 -4.13
N ALA B 434 7.63 3.87 -4.38
CA ALA B 434 7.42 5.06 -5.20
C ALA B 434 6.49 6.06 -4.51
N ALA B 435 6.48 7.29 -5.01
CA ALA B 435 5.64 8.35 -4.47
C ALA B 435 5.24 9.29 -5.58
N TYR B 436 3.94 9.27 -5.93
CA TYR B 436 3.40 10.18 -6.93
C TYR B 436 3.13 11.54 -6.30
N LEU B 437 3.54 12.60 -6.99
CA LEU B 437 3.37 13.98 -6.53
C LEU B 437 3.13 14.91 -7.69
N GLU B 438 2.12 15.76 -7.55
CA GLU B 438 1.89 16.83 -8.53
C GLU B 438 3.04 17.84 -8.42
N PRO B 439 3.26 18.68 -9.43
CA PRO B 439 4.32 19.65 -9.31
C PRO B 439 4.17 20.53 -8.09
N LEU B 440 5.31 20.94 -7.53
CA LEU B 440 5.32 21.92 -6.44
C LEU B 440 4.81 23.26 -6.98
N ASP B 441 5.23 23.58 -8.20
CA ASP B 441 4.89 24.82 -8.87
C ASP B 441 5.04 24.69 -10.38
N TYR B 442 4.69 25.75 -11.10
CA TYR B 442 4.94 25.83 -12.53
C TYR B 442 5.75 27.08 -12.84
N ASP B 443 6.85 26.91 -13.57
CA ASP B 443 7.62 28.04 -14.08
C ASP B 443 7.21 28.17 -15.55
N GLN B 444 6.21 29.01 -15.79
CA GLN B 444 5.52 29.08 -17.07
C GLN B 444 4.81 27.74 -17.32
N ASP B 445 5.22 27.02 -18.35
CA ASP B 445 4.62 25.72 -18.64
C ASP B 445 5.43 24.55 -18.05
N LEU B 446 6.57 24.87 -17.43
CA LEU B 446 7.51 23.87 -16.90
C LEU B 446 7.15 23.44 -15.48
N ARG B 447 7.08 22.13 -15.26
CA ARG B 447 6.75 21.56 -13.94
C ARG B 447 7.97 21.63 -13.03
N VAL B 448 7.77 22.17 -11.82
CA VAL B 448 8.82 22.30 -10.82
C VAL B 448 8.55 21.32 -9.66
N PHE B 449 9.61 20.68 -9.16
CA PHE B 449 9.51 19.80 -7.99
C PHE B 449 10.67 20.08 -7.05
N SER B 450 10.50 19.72 -5.78
CA SER B 450 11.61 19.78 -4.82
C SER B 450 11.76 18.46 -4.06
N LEU B 451 12.98 18.22 -3.59
CA LEU B 451 13.29 17.01 -2.83
C LEU B 451 14.32 17.38 -1.77
N TYR B 452 14.06 16.95 -0.53
CA TYR B 452 15.10 16.98 0.51
C TYR B 452 15.24 15.60 1.09
N GLY B 453 16.48 15.12 1.15
CA GLY B 453 16.76 13.81 1.72
C GLY B 453 17.89 13.92 2.71
N ILE B 454 17.85 13.09 3.74
CA ILE B 454 18.94 13.01 4.72
C ILE B 454 19.28 11.54 4.97
N VAL B 455 20.56 11.22 4.86
CA VAL B 455 21.05 9.86 5.00
C VAL B 455 21.91 9.84 6.24
N ASP B 456 21.66 8.89 7.13
CA ASP B 456 22.39 8.81 8.40
C ASP B 456 22.77 7.35 8.68
N LYS B 457 23.77 6.90 7.92
CA LYS B 457 24.40 5.58 8.05
C LYS B 457 23.55 4.32 7.75
N ASN B 458 22.36 4.21 8.32
CA ASN B 458 21.47 3.09 7.97
C ASN B 458 20.00 3.49 7.76
N ILE B 459 19.74 4.79 7.65
CA ILE B 459 18.39 5.30 7.49
C ILE B 459 18.35 6.50 6.54
N ILE B 460 17.42 6.45 5.60
CA ILE B 460 17.22 7.59 4.74
C ILE B 460 15.78 8.11 4.87
N GLU B 461 15.67 9.41 5.04
CA GLU B 461 14.39 10.08 5.17
C GLU B 461 14.24 11.04 3.99
N LEU B 462 13.16 10.89 3.25
CA LEU B 462 12.92 11.72 2.07
C LEU B 462 11.67 12.57 2.24
N TYR B 463 11.79 13.86 1.87
CA TYR B 463 10.69 14.81 1.97
C TYR B 463 10.47 15.44 0.60
N PHE B 464 9.34 15.11 -0.02
CA PHE B 464 9.05 15.52 -1.38
C PHE B 464 8.19 16.78 -1.39
N ASN B 465 8.52 17.70 -2.30
CA ASN B 465 7.78 18.96 -2.43
C ASN B 465 7.52 19.71 -1.11
N ASP B 466 8.61 20.03 -0.40
CA ASP B 466 8.53 20.78 0.86
C ASP B 466 7.65 20.06 1.90
N GLY B 467 7.89 18.76 2.04
CA GLY B 467 7.22 17.96 3.07
C GLY B 467 5.82 17.47 2.73
N THR B 468 5.42 17.57 1.46
CA THR B 468 4.08 17.17 1.04
C THR B 468 3.85 15.66 1.23
N VAL B 469 4.85 14.86 0.88
CA VAL B 469 4.91 13.47 1.31
C VAL B 469 6.31 13.13 1.83
N ALA B 470 6.34 12.31 2.87
CA ALA B 470 7.58 11.84 3.48
C ALA B 470 7.68 10.34 3.27
N MET B 471 8.91 9.86 3.13
CA MET B 471 9.19 8.44 2.96
C MET B 471 10.43 8.05 3.76
N THR B 472 10.27 7.11 4.69
CA THR B 472 11.34 6.70 5.61
C THR B 472 11.70 5.23 5.43
N ASN B 473 12.98 4.98 5.16
CA ASN B 473 13.49 3.63 4.97
C ASN B 473 14.88 3.42 5.57
N THR B 474 15.05 2.30 6.26
CA THR B 474 16.38 1.84 6.64
C THR B 474 17.02 1.16 5.44
N PHE B 475 18.34 0.99 5.49
CA PHE B 475 19.10 0.22 4.50
C PHE B 475 20.35 -0.36 5.14
N PHE B 476 20.82 -1.47 4.60
CA PHE B 476 21.92 -2.16 5.24
C PHE B 476 23.00 -2.54 4.24
N MET B 477 24.02 -1.70 4.18
CA MET B 477 25.20 -1.94 3.34
C MET B 477 26.03 -3.06 3.94
N GLY B 478 26.88 -3.67 3.11
CA GLY B 478 27.72 -4.78 3.55
C GLY B 478 28.68 -4.34 4.64
N GLU B 479 29.17 -5.31 5.42
CA GLU B 479 30.02 -5.04 6.58
C GLU B 479 31.15 -4.05 6.27
N GLY B 480 31.26 -3.02 7.10
CA GLY B 480 32.29 -2.00 6.97
C GLY B 480 31.95 -0.83 6.06
N LYS B 481 30.98 -1.01 5.16
CA LYS B 481 30.63 0.04 4.21
C LYS B 481 29.59 0.99 4.77
N TYR B 482 29.75 2.28 4.43
CA TYR B 482 28.77 3.31 4.75
C TYR B 482 28.85 4.44 3.72
N PRO B 483 27.79 5.28 3.63
CA PRO B 483 27.76 6.39 2.66
C PRO B 483 29.02 7.25 2.67
N HIS B 484 29.64 7.42 1.51
CA HIS B 484 30.86 8.23 1.36
C HIS B 484 30.71 9.33 0.32
N ASP B 485 29.99 9.06 -0.77
CA ASP B 485 29.83 10.05 -1.83
C ASP B 485 28.46 9.96 -2.50
N ILE B 486 28.02 11.09 -3.02
CA ILE B 486 26.73 11.20 -3.67
C ILE B 486 26.92 11.65 -5.13
N GLN B 487 26.18 11.02 -6.02
CA GLN B 487 26.19 11.40 -7.43
C GLN B 487 24.76 11.66 -7.90
N ILE B 488 24.62 12.58 -8.85
CA ILE B 488 23.34 12.83 -9.52
C ILE B 488 23.56 12.64 -11.01
N VAL B 489 22.80 11.72 -11.60
CA VAL B 489 23.06 11.25 -12.94
C VAL B 489 21.78 11.08 -13.74
N THR B 490 21.93 11.05 -15.06
CA THR B 490 20.83 10.75 -15.99
C THR B 490 21.43 10.12 -17.24
N ASP B 491 20.59 9.45 -18.04
CA ASP B 491 21.04 8.85 -19.29
C ASP B 491 20.69 9.68 -20.52
N THR B 492 19.93 10.76 -20.33
CA THR B 492 19.54 11.61 -21.44
C THR B 492 20.76 12.34 -22.00
N GLU B 493 20.84 12.41 -23.33
CA GLU B 493 21.95 13.10 -24.00
C GLU B 493 21.70 14.60 -24.07
N GLU B 494 20.42 14.95 -24.19
CA GLU B 494 19.97 16.34 -24.11
C GLU B 494 19.30 16.52 -22.73
N PRO B 495 19.18 17.78 -22.26
CA PRO B 495 18.61 18.02 -20.93
C PRO B 495 17.10 17.85 -20.83
N LEU B 496 16.68 16.88 -20.02
CA LEU B 496 15.25 16.73 -19.66
C LEU B 496 14.98 17.39 -18.30
N PHE B 497 16.01 17.45 -17.45
CA PHE B 497 15.88 18.06 -16.13
C PHE B 497 16.88 19.22 -15.96
N GLU B 498 16.37 20.36 -15.49
CA GLU B 498 17.22 21.44 -15.00
C GLU B 498 17.18 21.38 -13.48
N LEU B 499 18.35 21.21 -12.87
CA LEU B 499 18.43 21.31 -11.42
C LEU B 499 18.65 22.78 -11.11
N GLU B 500 17.58 23.48 -10.75
CA GLU B 500 17.68 24.92 -10.48
C GLU B 500 18.55 25.21 -9.26
N SER B 501 18.51 24.29 -8.29
CA SER B 501 19.32 24.41 -7.08
C SER B 501 19.69 23.02 -6.56
N VAL B 502 20.99 22.82 -6.32
CA VAL B 502 21.48 21.58 -5.72
C VAL B 502 22.39 21.94 -4.55
N ILE B 503 22.04 21.50 -3.34
CA ILE B 503 22.95 21.64 -2.20
C ILE B 503 23.15 20.28 -1.52
N ILE B 504 24.37 19.73 -1.62
CA ILE B 504 24.69 18.46 -0.97
C ILE B 504 25.70 18.76 0.11
N ARG B 505 25.42 18.29 1.32
CA ARG B 505 26.31 18.54 2.45
C ARG B 505 26.71 17.24 3.14
N GLU B 506 27.95 17.19 3.59
CA GLU B 506 28.36 16.21 4.58
C GLU B 506 28.19 16.86 5.96
N LEU B 507 27.49 16.16 6.84
CA LEU B 507 27.17 16.68 8.17
C LEU B 507 27.84 15.86 9.26
N ASN B 508 27.80 16.38 10.49
CA ASN B 508 28.32 15.70 11.66
C ASN B 508 27.55 16.15 12.90
N LYS B 509 27.48 15.30 13.92
CA LYS B 509 26.70 15.58 15.14
C LYS B 509 27.12 16.84 15.89
C1 FRU C . -8.22 3.60 -17.11
C2 FRU C . -8.77 4.40 -18.27
C3 FRU C . -10.25 4.68 -18.20
C4 FRU C . -10.51 5.33 -19.57
C5 FRU C . -9.51 4.66 -20.48
C6 FRU C . -8.87 5.50 -21.58
O1 FRU C . -7.10 2.83 -17.48
O2 FRU C . -8.24 5.73 -18.06
O3 FRU C . -10.65 5.40 -17.04
O4 FRU C . -11.79 4.99 -20.04
O5 FRU C . -8.49 4.18 -19.63
O6 FRU C . -8.16 4.57 -22.40
C1 NAG D . -5.48 2.33 -36.68
C2 NAG D . -5.16 2.91 -38.06
C3 NAG D . -6.24 2.65 -39.11
C4 NAG D . -6.96 1.31 -38.97
C5 NAG D . -7.21 0.91 -37.53
C6 NAG D . -7.66 -0.55 -37.47
C7 NAG D . -3.76 4.92 -37.74
C8 NAG D . -3.79 6.43 -37.60
N2 NAG D . -4.95 4.34 -37.92
O3 NAG D . -5.62 2.66 -40.37
O4 NAG D . -8.20 1.38 -39.66
O5 NAG D . -6.02 1.02 -36.78
O6 NAG D . -9.00 -0.60 -37.06
O7 NAG D . -2.69 4.31 -37.67
C1 NAG E . -22.51 16.14 -7.13
C2 NAG E . -23.38 17.24 -6.52
C3 NAG E . -23.53 18.41 -7.48
C4 NAG E . -22.16 18.90 -7.95
C5 NAG E . -21.35 17.74 -8.52
C6 NAG E . -19.93 18.20 -8.79
C7 NAG E . -25.04 16.38 -4.96
C8 NAG E . -26.43 15.85 -4.79
N2 NAG E . -24.69 16.71 -6.19
O3 NAG E . -24.20 19.46 -6.84
O4 NAG E . -22.33 19.90 -8.94
O5 NAG E . -21.29 16.67 -7.61
O6 NAG E . -19.58 17.78 -10.08
O7 NAG E . -24.27 16.48 -3.99
C1 NAG F . -20.03 -18.84 -9.07
C2 NAG F . -20.52 -19.87 -10.10
C3 NAG F . -22.02 -20.15 -9.88
C4 NAG F . -22.32 -20.53 -8.43
C5 NAG F . -21.63 -19.59 -7.45
C6 NAG F . -21.65 -20.15 -6.03
C7 NAG F . -19.33 -19.98 -12.22
C8 NAG F . -19.16 -19.44 -13.61
N2 NAG F . -20.27 -19.42 -11.45
O3 NAG F . -22.41 -21.20 -10.72
O4 NAG F . -23.72 -20.49 -8.21
O5 NAG F . -20.28 -19.37 -7.79
O6 NAG F . -21.68 -19.05 -5.15
O7 NAG F . -18.61 -20.90 -11.83
C1 NAG G . -8.33 -26.61 -4.25
C2 NAG G . -9.58 -26.32 -5.10
C3 NAG G . -10.90 -26.63 -4.37
C4 NAG G . -10.86 -27.95 -3.61
C5 NAG G . -9.62 -27.98 -2.73
C6 NAG G . -9.50 -29.26 -1.91
C7 NAG G . -9.45 -24.54 -6.77
C8 NAG G . -9.52 -23.05 -7.01
N2 NAG G . -9.60 -24.93 -5.51
O3 NAG G . -11.96 -26.64 -5.31
O4 NAG G . -12.02 -28.10 -2.81
O5 NAG G . -8.48 -27.85 -3.57
O6 NAG G . -8.46 -30.09 -2.41
O7 NAG G . -9.26 -25.31 -7.72
C1 FRU H . 3.55 -1.51 18.95
C2 FRU H . 3.43 -2.02 20.38
C3 FRU H . 2.49 -1.22 21.25
C4 FRU H . 2.73 -1.85 22.62
C5 FRU H . 4.18 -2.29 22.57
C6 FRU H . 4.56 -3.58 23.27
O1 FRU H . 4.81 -1.81 18.38
O2 FRU H . 2.67 -3.25 20.24
O3 FRU H . 1.16 -1.15 20.76
O4 FRU H . 2.62 -0.89 23.64
O5 FRU H . 4.48 -2.40 21.20
O6 FRU H . 5.99 -3.61 23.25
C1 NAG I . -17.32 2.05 22.65
C2 NAG I . -18.78 2.05 23.07
C3 NAG I . -19.00 1.12 24.27
C4 NAG I . -18.36 -0.24 24.10
C5 NAG I . -16.94 -0.19 23.51
C6 NAG I . -16.60 -1.55 22.92
C7 NAG I . -19.73 4.28 22.62
C8 NAG I . -20.11 5.60 23.23
N2 NAG I . -19.20 3.38 23.47
O3 NAG I . -20.38 0.96 24.46
O4 NAG I . -18.27 -0.86 25.37
O5 NAG I . -16.84 0.74 22.45
O6 NAG I . -15.34 -1.96 23.40
O7 NAG I . -19.90 4.06 21.43
C1 NAG J . 7.71 24.29 13.75
C2 NAG J . 8.75 25.20 14.42
C3 NAG J . 8.09 26.45 15.03
C4 NAG J . 7.04 27.08 14.12
C5 NAG J . 6.12 25.99 13.54
C6 NAG J . 5.03 26.50 12.58
C7 NAG J . 10.61 23.80 15.21
C8 NAG J . 11.26 23.14 16.38
N2 NAG J . 9.49 24.48 15.44
O3 NAG J . 9.11 27.38 15.34
O4 NAG J . 6.31 28.05 14.87
O5 NAG J . 6.93 25.06 12.84
O6 NAG J . 3.82 25.80 12.81
O7 NAG J . 11.13 23.69 14.09
C1 NAG K . 16.07 23.35 1.11
C2 NAG K . 15.89 23.66 2.60
C3 NAG K . 14.92 24.82 2.84
C4 NAG K . 15.24 26.04 1.98
C5 NAG K . 15.42 25.63 0.52
C6 NAG K . 15.91 26.81 -0.30
C7 NAG K . 16.04 21.92 4.34
C8 NAG K . 15.29 20.81 5.03
N2 NAG K . 15.36 22.55 3.37
O3 NAG K . 14.92 25.18 4.21
O4 NAG K . 14.18 26.98 2.10
O5 NAG K . 16.34 24.56 0.40
O6 NAG K . 15.80 26.50 -1.66
O7 NAG K . 17.20 22.19 4.67
#